data_6GN8
#
_entry.id   6GN8
#
_cell.length_a   159.909
_cell.length_b   59.401
_cell.length_c   120.333
_cell.angle_alpha   90.00
_cell.angle_beta   125.79
_cell.angle_gamma   90.00
#
_symmetry.space_group_name_H-M   'C 1 2 1'
#
loop_
_entity.id
_entity.type
_entity.pdbx_description
1 polymer '14-3-3 protein beta/alpha'
2 polymer 'Exoenzyme S'
3 non-polymer (4S)-2-METHYL-2,4-PENTANEDIOL
4 water water
#
loop_
_entity_poly.entity_id
_entity_poly.type
_entity_poly.pdbx_seq_one_letter_code
_entity_poly.pdbx_strand_id
1 'polypeptide(L)'
;MTMDKSELVQKAKLAEQAERYDDMAAAMKAVTEQGHELSNEERNLLSVAYKNVVGARRSSWRVISSIEQKTERNEKKQQM
GKEYREKIEAELQDICNDVLELLDKYLIPNATQPESKVFYLKMKGDYFRYLSEVASGDNKQTTVSNSQQAYQEAFEISKK
EMQPTHPIRLGLALNFSVFYYEILNSPEKACSLAKTAFDEAIAELDTLNEESYKDSTLIMQLLRDNLTLWTSENENLYFQ
SLE
;
A,B
2 'polypeptide(L)'
;MGSSHHHHHHSQDPNSENLYFQGADKALADGLVKRFGADAEKYLGRQPGGIHSDAEVMALGLYTGIHYADLNRALRQGQE
LDAGQKLIDQGMSAAFEKSGQAEQVVKTFRGTRGGDAFNAVEEGKVGHDDGYLSTSLNPGVARSFGQGTISTVFGRSGID
VSGISNYKNAKAILYNKETDMRVLLSASDEQGVTRRVLEEAALGELSGHSQGLLDALDLASKPEPSGEVQEQDVRLRMRG
LDLA
;
C
#
loop_
_chem_comp.id
_chem_comp.type
_chem_comp.name
_chem_comp.formula
MPD non-polymer (4S)-2-METHYL-2,4-PENTANEDIOL 'C6 H14 O2'
#
# COMPACT_ATOMS: atom_id res chain seq x y z
N THR A 2 -20.88 -25.30 -3.24
CA THR A 2 -19.65 -26.07 -3.05
C THR A 2 -18.80 -25.42 -1.95
N MET A 3 -18.27 -24.19 -2.18
CA MET A 3 -17.46 -23.49 -1.19
C MET A 3 -18.34 -22.65 -0.25
N ASP A 4 -18.09 -22.74 1.07
CA ASP A 4 -18.84 -21.95 2.03
C ASP A 4 -18.19 -20.56 2.15
N LYS A 5 -18.81 -19.64 2.93
CA LYS A 5 -18.39 -18.26 3.12
C LYS A 5 -16.96 -18.17 3.69
N SER A 6 -16.67 -18.94 4.76
CA SER A 6 -15.37 -18.99 5.43
C SER A 6 -14.23 -19.37 4.46
N GLU A 7 -14.47 -20.37 3.57
CA GLU A 7 -13.51 -20.86 2.57
C GLU A 7 -13.21 -19.78 1.53
N LEU A 8 -14.26 -19.13 1.00
CA LEU A 8 -14.18 -18.06 -0.01
C LEU A 8 -13.50 -16.82 0.55
N VAL A 9 -13.70 -16.52 1.86
CA VAL A 9 -13.09 -15.34 2.51
C VAL A 9 -11.58 -15.61 2.65
N GLN A 10 -11.20 -16.82 3.08
CA GLN A 10 -9.80 -17.23 3.22
C GLN A 10 -9.10 -17.27 1.86
N LYS A 11 -9.79 -17.84 0.84
CA LYS A 11 -9.28 -17.90 -0.52
C LYS A 11 -8.98 -16.47 -1.04
N ALA A 12 -9.87 -15.50 -0.74
CA ALA A 12 -9.71 -14.09 -1.13
C ALA A 12 -8.51 -13.44 -0.43
N LYS A 13 -8.27 -13.77 0.85
CA LYS A 13 -7.14 -13.25 1.63
C LYS A 13 -5.81 -13.81 1.09
N LEU A 14 -5.83 -15.10 0.66
CA LEU A 14 -4.70 -15.78 0.03
C LEU A 14 -4.37 -15.16 -1.32
N ALA A 15 -5.42 -14.96 -2.17
CA ALA A 15 -5.31 -14.38 -3.50
C ALA A 15 -4.74 -12.95 -3.45
N GLU A 16 -5.11 -12.17 -2.41
CA GLU A 16 -4.61 -10.81 -2.19
C GLU A 16 -3.09 -10.77 -1.96
N GLN A 17 -2.59 -11.64 -1.07
CA GLN A 17 -1.17 -11.75 -0.73
C GLN A 17 -0.34 -12.14 -1.97
N ALA A 18 -0.91 -13.02 -2.81
CA ALA A 18 -0.33 -13.53 -4.05
C ALA A 18 -0.49 -12.53 -5.21
N GLU A 19 -1.20 -11.40 -4.95
CA GLU A 19 -1.48 -10.32 -5.90
C GLU A 19 -2.23 -10.86 -7.15
N ARG A 20 -3.18 -11.81 -6.90
CA ARG A 20 -4.03 -12.48 -7.88
C ARG A 20 -5.44 -11.94 -7.66
N TYR A 21 -5.65 -10.72 -8.12
CA TYR A 21 -6.86 -9.95 -7.89
C TYR A 21 -8.08 -10.47 -8.60
N ASP A 22 -7.93 -11.10 -9.77
CA ASP A 22 -9.07 -11.70 -10.47
C ASP A 22 -9.67 -12.82 -9.60
N ASP A 23 -8.82 -13.62 -8.93
CA ASP A 23 -9.19 -14.69 -7.99
C ASP A 23 -9.84 -14.10 -6.73
N MET A 24 -9.27 -12.97 -6.20
CA MET A 24 -9.78 -12.27 -5.04
C MET A 24 -11.20 -11.74 -5.31
N ALA A 25 -11.42 -11.20 -6.52
CA ALA A 25 -12.71 -10.62 -6.93
C ALA A 25 -13.77 -11.73 -7.10
N ALA A 26 -13.43 -12.85 -7.75
CA ALA A 26 -14.33 -13.98 -7.97
C ALA A 26 -14.82 -14.57 -6.64
N ALA A 27 -13.89 -14.72 -5.66
CA ALA A 27 -14.18 -15.26 -4.32
C ALA A 27 -15.13 -14.34 -3.55
N MET A 28 -14.93 -13.02 -3.64
CA MET A 28 -15.75 -12.03 -2.94
C MET A 28 -17.10 -11.80 -3.64
N LYS A 29 -17.14 -11.93 -4.98
CA LYS A 29 -18.38 -11.89 -5.78
C LYS A 29 -19.33 -13.04 -5.32
N ALA A 30 -18.78 -14.26 -5.16
CA ALA A 30 -19.46 -15.48 -4.71
C ALA A 30 -19.97 -15.31 -3.29
N VAL A 31 -19.17 -14.66 -2.41
CA VAL A 31 -19.56 -14.35 -1.01
C VAL A 31 -20.79 -13.42 -1.04
N THR A 32 -20.74 -12.33 -1.82
CA THR A 32 -21.82 -11.35 -1.98
C THR A 32 -23.13 -12.01 -2.49
N GLU A 33 -23.02 -12.90 -3.50
CA GLU A 33 -24.15 -13.59 -4.11
C GLU A 33 -24.86 -14.60 -3.16
N GLN A 34 -24.32 -14.81 -1.94
CA GLN A 34 -24.95 -15.69 -0.96
C GLN A 34 -26.16 -14.97 -0.31
N GLY A 35 -26.25 -13.65 -0.53
CA GLY A 35 -27.36 -12.80 -0.12
C GLY A 35 -27.32 -12.22 1.27
N HIS A 36 -26.24 -12.45 2.00
CA HIS A 36 -26.17 -11.90 3.36
C HIS A 36 -25.29 -10.68 3.38
N GLU A 37 -25.59 -9.74 4.30
CA GLU A 37 -24.84 -8.50 4.48
C GLU A 37 -23.38 -8.81 4.84
N LEU A 38 -22.44 -8.12 4.19
CA LEU A 38 -21.00 -8.31 4.41
C LEU A 38 -20.55 -7.62 5.67
N SER A 39 -19.55 -8.21 6.33
CA SER A 39 -18.88 -7.57 7.46
C SER A 39 -17.95 -6.49 6.88
N ASN A 40 -17.43 -5.59 7.72
CA ASN A 40 -16.52 -4.54 7.28
C ASN A 40 -15.26 -5.14 6.63
N GLU A 41 -14.76 -6.26 7.18
CA GLU A 41 -13.61 -6.95 6.62
C GLU A 41 -13.93 -7.48 5.22
N GLU A 42 -15.09 -8.14 5.06
CA GLU A 42 -15.54 -8.72 3.80
C GLU A 42 -15.76 -7.65 2.76
N ARG A 43 -16.40 -6.52 3.15
CA ARG A 43 -16.67 -5.36 2.30
C ARG A 43 -15.37 -4.77 1.77
N ASN A 44 -14.35 -4.62 2.65
CA ASN A 44 -13.04 -4.07 2.30
C ASN A 44 -12.31 -5.01 1.36
N LEU A 45 -12.46 -6.34 1.56
CA LEU A 45 -11.84 -7.35 0.70
C LEU A 45 -12.43 -7.26 -0.71
N LEU A 46 -13.77 -7.11 -0.81
CA LEU A 46 -14.49 -7.00 -2.09
C LEU A 46 -14.07 -5.73 -2.84
N SER A 47 -13.98 -4.62 -2.10
CA SER A 47 -13.61 -3.32 -2.63
C SER A 47 -12.17 -3.29 -3.14
N VAL A 48 -11.20 -3.81 -2.35
CA VAL A 48 -9.79 -3.87 -2.76
C VAL A 48 -9.66 -4.75 -4.03
N ALA A 49 -10.33 -5.90 -4.07
CA ALA A 49 -10.27 -6.81 -5.21
C ALA A 49 -10.68 -6.11 -6.52
N TYR A 50 -11.85 -5.52 -6.55
CA TYR A 50 -12.36 -4.87 -7.76
C TYR A 50 -11.64 -3.58 -8.10
N LYS A 51 -11.16 -2.82 -7.10
CA LYS A 51 -10.33 -1.62 -7.30
C LYS A 51 -9.10 -1.98 -8.12
N ASN A 52 -8.49 -3.14 -7.84
CA ASN A 52 -7.31 -3.60 -8.54
C ASN A 52 -7.65 -4.17 -9.88
N VAL A 53 -8.76 -4.92 -9.99
CA VAL A 53 -9.19 -5.52 -11.26
C VAL A 53 -9.56 -4.39 -12.27
N VAL A 54 -10.38 -3.40 -11.86
CA VAL A 54 -10.79 -2.28 -12.72
C VAL A 54 -9.59 -1.32 -12.98
N GLY A 55 -8.81 -1.06 -11.92
CA GLY A 55 -7.64 -0.19 -11.92
C GLY A 55 -6.65 -0.52 -13.01
N ALA A 56 -6.36 -1.85 -13.19
CA ALA A 56 -5.42 -2.33 -14.20
C ALA A 56 -5.90 -1.94 -15.62
N ARG A 57 -7.21 -2.05 -15.88
CA ARG A 57 -7.84 -1.68 -17.16
C ARG A 57 -7.91 -0.18 -17.36
N ARG A 58 -8.11 0.62 -16.27
CA ARG A 58 -8.13 2.08 -16.40
C ARG A 58 -6.77 2.55 -16.81
N SER A 59 -5.74 2.02 -16.16
CA SER A 59 -4.32 2.29 -16.42
C SER A 59 -3.96 1.92 -17.87
N SER A 60 -4.36 0.72 -18.30
CA SER A 60 -4.08 0.20 -19.63
C SER A 60 -4.80 1.05 -20.66
N TRP A 61 -6.07 1.40 -20.40
CA TRP A 61 -6.85 2.26 -21.29
C TRP A 61 -6.11 3.62 -21.53
N ARG A 62 -5.58 4.25 -20.46
CA ARG A 62 -4.87 5.53 -20.52
C ARG A 62 -3.60 5.46 -21.33
N VAL A 63 -2.84 4.35 -21.19
CA VAL A 63 -1.61 4.08 -21.90
C VAL A 63 -1.92 3.91 -23.40
N ILE A 64 -2.92 3.06 -23.75
CA ILE A 64 -3.26 2.80 -25.17
C ILE A 64 -3.86 4.06 -25.80
N SER A 65 -4.63 4.85 -25.03
CA SER A 65 -5.20 6.11 -25.49
C SER A 65 -4.08 7.10 -25.81
N SER A 66 -3.09 7.21 -24.90
CA SER A 66 -1.92 8.07 -25.06
C SER A 66 -1.12 7.69 -26.32
N ILE A 67 -0.90 6.37 -26.56
CA ILE A 67 -0.18 5.85 -27.73
C ILE A 67 -0.96 6.17 -29.02
N GLU A 68 -2.29 5.96 -29.00
CA GLU A 68 -3.18 6.24 -30.14
C GLU A 68 -2.97 7.64 -30.74
N GLN A 69 -2.81 8.67 -29.85
CA GLN A 69 -2.60 10.06 -30.26
C GLN A 69 -1.20 10.26 -30.88
N LYS A 70 -0.15 9.74 -30.21
CA LYS A 70 1.25 9.88 -30.59
C LYS A 70 1.63 9.04 -31.85
N THR A 71 0.87 7.97 -32.18
CA THR A 71 1.15 7.12 -33.34
C THR A 71 0.92 7.84 -34.69
N GLU A 72 1.80 7.52 -35.66
CA GLU A 72 1.88 8.04 -37.02
C GLU A 72 0.60 7.81 -37.86
N ARG A 73 0.45 8.57 -38.96
CA ARG A 73 -0.67 8.46 -39.90
C ARG A 73 -0.53 7.17 -40.75
N ASN A 74 -1.06 6.06 -40.23
CA ASN A 74 -1.11 4.74 -40.86
C ASN A 74 -2.47 4.10 -40.52
N GLU A 75 -3.30 3.87 -41.57
CA GLU A 75 -4.65 3.31 -41.45
C GLU A 75 -4.66 1.98 -40.66
N LYS A 76 -3.68 1.07 -40.94
CA LYS A 76 -3.51 -0.22 -40.29
C LYS A 76 -3.14 -0.05 -38.81
N LYS A 77 -2.14 0.81 -38.50
CA LYS A 77 -1.65 1.06 -37.14
C LYS A 77 -2.74 1.69 -36.24
N GLN A 78 -3.50 2.67 -36.78
CA GLN A 78 -4.61 3.33 -36.09
C GLN A 78 -5.69 2.33 -35.75
N GLN A 79 -6.04 1.45 -36.72
CA GLN A 79 -7.07 0.43 -36.55
C GLN A 79 -6.66 -0.61 -35.48
N MET A 80 -5.36 -0.96 -35.39
CA MET A 80 -4.86 -1.90 -34.38
C MET A 80 -5.04 -1.31 -32.97
N GLY A 81 -4.60 -0.05 -32.80
CA GLY A 81 -4.68 0.72 -31.57
C GLY A 81 -6.11 0.92 -31.10
N LYS A 82 -7.01 1.30 -32.04
CA LYS A 82 -8.44 1.51 -31.78
C LYS A 82 -9.06 0.21 -31.27
N GLU A 83 -8.84 -0.89 -32.03
CA GLU A 83 -9.30 -2.25 -31.72
C GLU A 83 -8.87 -2.71 -30.35
N TYR A 84 -7.57 -2.50 -30.03
CA TYR A 84 -6.98 -2.87 -28.75
C TYR A 84 -7.59 -2.05 -27.62
N ARG A 85 -7.80 -0.74 -27.82
CA ARG A 85 -8.43 0.12 -26.81
C ARG A 85 -9.86 -0.36 -26.51
N GLU A 86 -10.61 -0.71 -27.56
CA GLU A 86 -11.98 -1.22 -27.50
C GLU A 86 -12.05 -2.57 -26.79
N LYS A 87 -11.00 -3.38 -26.88
CA LYS A 87 -10.91 -4.67 -26.21
C LYS A 87 -10.80 -4.41 -24.70
N ILE A 88 -10.00 -3.40 -24.29
CA ILE A 88 -9.80 -2.98 -22.90
C ILE A 88 -11.10 -2.37 -22.39
N GLU A 89 -11.74 -1.49 -23.21
CA GLU A 89 -13.04 -0.88 -22.90
C GLU A 89 -14.08 -1.93 -22.60
N ALA A 90 -14.19 -2.95 -23.47
CA ALA A 90 -15.12 -4.07 -23.31
C ALA A 90 -14.91 -4.77 -21.97
N GLU A 91 -13.64 -4.99 -21.57
CA GLU A 91 -13.30 -5.63 -20.29
C GLU A 91 -13.71 -4.76 -19.11
N LEU A 92 -13.40 -3.45 -19.20
CA LEU A 92 -13.74 -2.47 -18.20
C LEU A 92 -15.26 -2.42 -17.96
N GLN A 93 -16.06 -2.43 -19.04
CA GLN A 93 -17.52 -2.45 -18.99
C GLN A 93 -18.06 -3.65 -18.23
N ASP A 94 -17.51 -4.85 -18.48
CA ASP A 94 -17.91 -6.11 -17.83
C ASP A 94 -17.61 -6.07 -16.33
N ILE A 95 -16.40 -5.59 -15.95
CA ILE A 95 -15.99 -5.42 -14.55
C ILE A 95 -17.00 -4.46 -13.86
N CYS A 96 -17.17 -3.24 -14.41
CA CYS A 96 -18.07 -2.25 -13.84
C CYS A 96 -19.49 -2.75 -13.79
N ASN A 97 -19.97 -3.42 -14.84
CA ASN A 97 -21.32 -4.00 -14.85
C ASN A 97 -21.48 -5.09 -13.76
N ASP A 98 -20.49 -5.94 -13.55
CA ASP A 98 -20.55 -6.96 -12.48
C ASP A 98 -20.63 -6.34 -11.09
N VAL A 99 -19.80 -5.28 -10.79
CA VAL A 99 -19.82 -4.67 -9.46
C VAL A 99 -21.11 -3.88 -9.31
N LEU A 100 -21.59 -3.18 -10.38
CA LEU A 100 -22.86 -2.44 -10.32
C LEU A 100 -24.03 -3.40 -10.12
N GLU A 101 -23.92 -4.63 -10.61
CA GLU A 101 -24.92 -5.70 -10.42
C GLU A 101 -24.94 -6.11 -8.95
N LEU A 102 -23.76 -6.32 -8.33
CA LEU A 102 -23.64 -6.67 -6.91
C LEU A 102 -24.16 -5.58 -6.02
N LEU A 103 -23.90 -4.32 -6.41
CA LEU A 103 -24.34 -3.13 -5.67
C LEU A 103 -25.87 -2.98 -5.69
N ASP A 104 -26.50 -3.12 -6.88
CA ASP A 104 -27.95 -3.00 -7.03
C ASP A 104 -28.71 -4.19 -6.48
N LYS A 105 -28.19 -5.42 -6.71
CA LYS A 105 -28.88 -6.64 -6.26
C LYS A 105 -28.66 -6.97 -4.79
N TYR A 106 -27.45 -6.75 -4.24
CA TYR A 106 -27.20 -7.19 -2.87
C TYR A 106 -26.71 -6.11 -1.91
N LEU A 107 -25.57 -5.46 -2.23
CA LEU A 107 -24.82 -4.54 -1.36
C LEU A 107 -25.62 -3.35 -0.87
N ILE A 108 -26.27 -2.60 -1.78
CA ILE A 108 -27.07 -1.44 -1.39
C ILE A 108 -28.39 -1.91 -0.69
N PRO A 109 -29.22 -2.86 -1.23
CA PRO A 109 -30.45 -3.24 -0.51
C PRO A 109 -30.27 -3.90 0.86
N ASN A 110 -29.16 -4.63 1.07
CA ASN A 110 -28.88 -5.29 2.35
C ASN A 110 -28.16 -4.39 3.37
N ALA A 111 -27.74 -3.16 2.97
CA ALA A 111 -27.02 -2.26 3.89
C ALA A 111 -27.97 -1.72 4.94
N THR A 112 -27.74 -2.12 6.22
CA THR A 112 -28.58 -1.77 7.37
C THR A 112 -28.06 -0.54 8.12
N GLN A 113 -26.73 -0.32 8.17
CA GLN A 113 -26.16 0.86 8.83
C GLN A 113 -25.86 1.95 7.79
N PRO A 114 -26.06 3.24 8.14
CA PRO A 114 -25.82 4.32 7.16
C PRO A 114 -24.39 4.40 6.62
N GLU A 115 -23.36 4.03 7.43
CA GLU A 115 -21.92 3.96 7.11
C GLU A 115 -21.72 3.11 5.84
N SER A 116 -22.36 1.94 5.82
CA SER A 116 -22.30 0.97 4.74
C SER A 116 -23.08 1.44 3.52
N LYS A 117 -24.27 2.04 3.73
CA LYS A 117 -25.11 2.60 2.67
C LYS A 117 -24.30 3.65 1.87
N VAL A 118 -23.68 4.60 2.58
CA VAL A 118 -22.85 5.66 1.98
C VAL A 118 -21.67 5.02 1.27
N PHE A 119 -20.99 4.04 1.90
CA PHE A 119 -19.87 3.33 1.28
C PHE A 119 -20.25 2.74 -0.09
N TYR A 120 -21.37 2.01 -0.14
CA TYR A 120 -21.80 1.35 -1.36
C TYR A 120 -22.35 2.31 -2.41
N LEU A 121 -23.03 3.36 -2.01
CA LEU A 121 -23.54 4.37 -2.94
C LEU A 121 -22.37 5.15 -3.53
N LYS A 122 -21.33 5.45 -2.70
CA LYS A 122 -20.07 6.07 -3.12
C LYS A 122 -19.43 5.17 -4.18
N MET A 123 -19.38 3.86 -3.89
CA MET A 123 -18.83 2.82 -4.76
C MET A 123 -19.58 2.81 -6.11
N LYS A 124 -20.92 2.96 -6.08
CA LYS A 124 -21.80 3.02 -7.26
C LYS A 124 -21.44 4.24 -8.13
N GLY A 125 -21.17 5.37 -7.47
CA GLY A 125 -20.73 6.59 -8.12
C GLY A 125 -19.40 6.37 -8.79
N ASP A 126 -18.44 5.72 -8.07
CA ASP A 126 -17.10 5.42 -8.57
C ASP A 126 -17.13 4.61 -9.85
N TYR A 127 -17.89 3.48 -9.88
CA TYR A 127 -17.92 2.58 -11.02
C TYR A 127 -18.68 3.19 -12.21
N PHE A 128 -19.69 4.04 -11.96
CA PHE A 128 -20.35 4.74 -13.07
C PHE A 128 -19.39 5.82 -13.62
N ARG A 129 -18.57 6.45 -12.74
CA ARG A 129 -17.51 7.40 -13.13
C ARG A 129 -16.50 6.68 -14.08
N TYR A 130 -16.13 5.43 -13.76
CA TYR A 130 -15.19 4.64 -14.56
C TYR A 130 -15.80 4.32 -15.91
N LEU A 131 -17.12 4.00 -15.95
CA LEU A 131 -17.82 3.76 -17.21
C LEU A 131 -17.85 5.04 -18.06
N SER A 132 -17.99 6.21 -17.42
CA SER A 132 -18.03 7.55 -18.03
C SER A 132 -16.75 7.94 -18.74
N GLU A 133 -15.60 7.51 -18.18
CA GLU A 133 -14.27 7.83 -18.69
C GLU A 133 -14.05 7.27 -20.10
N VAL A 134 -14.68 6.13 -20.41
CA VAL A 134 -14.51 5.47 -21.71
C VAL A 134 -15.77 5.64 -22.61
N ALA A 135 -16.91 6.07 -22.05
CA ALA A 135 -18.16 6.25 -22.79
C ALA A 135 -18.17 7.55 -23.63
N SER A 136 -19.04 7.57 -24.64
CA SER A 136 -19.26 8.68 -25.56
C SER A 136 -20.76 8.83 -25.85
N GLY A 137 -21.15 10.03 -26.31
CA GLY A 137 -22.53 10.35 -26.67
C GLY A 137 -23.59 10.16 -25.60
N ASP A 138 -24.66 9.40 -25.95
CA ASP A 138 -25.85 9.12 -25.12
C ASP A 138 -25.51 8.29 -23.90
N ASN A 139 -24.74 7.23 -24.12
CA ASN A 139 -24.32 6.34 -23.07
C ASN A 139 -23.54 7.10 -22.03
N LYS A 140 -22.64 8.03 -22.46
CA LYS A 140 -21.85 8.87 -21.57
C LYS A 140 -22.78 9.69 -20.66
N GLN A 141 -23.82 10.32 -21.23
CA GLN A 141 -24.82 11.14 -20.50
C GLN A 141 -25.53 10.28 -19.42
N THR A 142 -25.81 8.99 -19.72
CA THR A 142 -26.48 8.05 -18.81
C THR A 142 -25.55 7.68 -17.66
N THR A 143 -24.30 7.28 -17.96
CA THR A 143 -23.31 6.88 -16.95
C THR A 143 -22.88 8.12 -16.11
N VAL A 144 -22.79 9.32 -16.71
CA VAL A 144 -22.42 10.56 -15.99
C VAL A 144 -23.56 10.97 -15.02
N SER A 145 -24.84 10.87 -15.44
CA SER A 145 -25.98 11.17 -14.56
C SER A 145 -26.09 10.17 -13.41
N ASN A 146 -25.94 8.86 -13.72
CA ASN A 146 -26.00 7.79 -12.72
C ASN A 146 -24.92 7.93 -11.68
N SER A 147 -23.72 8.40 -12.09
CA SER A 147 -22.60 8.65 -11.18
C SER A 147 -22.93 9.77 -10.20
N GLN A 148 -23.38 10.91 -10.73
CA GLN A 148 -23.74 12.08 -9.92
C GLN A 148 -24.86 11.72 -8.95
N GLN A 149 -25.89 10.99 -9.42
CA GLN A 149 -27.06 10.58 -8.62
C GLN A 149 -26.63 9.71 -7.45
N ALA A 150 -25.74 8.70 -7.69
CA ALA A 150 -25.28 7.79 -6.65
C ALA A 150 -24.43 8.57 -5.63
N TYR A 151 -23.51 9.44 -6.11
CA TYR A 151 -22.68 10.25 -5.24
C TYR A 151 -23.54 11.19 -4.36
N GLN A 152 -24.58 11.80 -4.96
CA GLN A 152 -25.48 12.74 -4.27
C GLN A 152 -26.32 12.02 -3.21
N GLU A 153 -26.87 10.86 -3.54
CA GLU A 153 -27.61 10.06 -2.57
C GLU A 153 -26.66 9.74 -1.39
N ALA A 154 -25.43 9.23 -1.66
CA ALA A 154 -24.43 8.96 -0.63
C ALA A 154 -24.12 10.23 0.23
N PHE A 155 -23.91 11.36 -0.43
CA PHE A 155 -23.61 12.64 0.22
C PHE A 155 -24.74 13.05 1.22
N GLU A 156 -25.99 12.89 0.81
CA GLU A 156 -27.20 13.22 1.58
C GLU A 156 -27.25 12.42 2.91
N ILE A 157 -27.08 11.08 2.84
CA ILE A 157 -27.05 10.20 4.01
C ILE A 157 -25.85 10.56 4.93
N SER A 158 -24.63 10.78 4.35
CA SER A 158 -23.40 11.12 5.09
C SER A 158 -23.57 12.41 5.88
N LYS A 159 -24.20 13.43 5.30
CA LYS A 159 -24.39 14.71 6.00
C LYS A 159 -25.36 14.59 7.20
N LYS A 160 -26.33 13.66 7.13
CA LYS A 160 -27.32 13.45 8.19
C LYS A 160 -26.89 12.43 9.25
N GLU A 161 -26.15 11.38 8.85
CA GLU A 161 -25.83 10.27 9.74
C GLU A 161 -24.37 10.08 10.10
N MET A 162 -23.48 10.88 9.57
CA MET A 162 -22.06 10.69 9.83
C MET A 162 -21.41 11.98 10.28
N GLN A 163 -20.36 11.85 11.09
CA GLN A 163 -19.54 12.96 11.55
C GLN A 163 -18.76 13.52 10.35
N PRO A 164 -18.48 14.83 10.34
CA PRO A 164 -17.78 15.41 9.16
C PRO A 164 -16.34 14.89 8.98
N THR A 165 -15.78 14.19 10.01
CA THR A 165 -14.45 13.61 10.02
C THR A 165 -14.47 12.11 9.68
N HIS A 166 -15.67 11.47 9.52
CA HIS A 166 -15.72 10.05 9.20
C HIS A 166 -14.95 9.78 7.90
N PRO A 167 -14.00 8.80 7.89
CA PRO A 167 -13.21 8.53 6.66
C PRO A 167 -14.06 8.16 5.44
N ILE A 168 -15.23 7.50 5.64
CA ILE A 168 -16.13 7.15 4.54
C ILE A 168 -16.75 8.43 3.95
N ARG A 169 -17.15 9.38 4.81
CA ARG A 169 -17.73 10.65 4.40
C ARG A 169 -16.68 11.52 3.66
N LEU A 170 -15.42 11.52 4.16
CA LEU A 170 -14.30 12.28 3.60
C LEU A 170 -13.83 11.69 2.26
N GLY A 171 -13.77 10.36 2.15
CA GLY A 171 -13.41 9.66 0.92
C GLY A 171 -14.43 9.93 -0.18
N LEU A 172 -15.72 10.00 0.22
CA LEU A 172 -16.82 10.34 -0.67
C LEU A 172 -16.64 11.78 -1.19
N ALA A 173 -16.40 12.74 -0.27
CA ALA A 173 -16.17 14.14 -0.63
C ALA A 173 -15.01 14.28 -1.62
N LEU A 174 -13.95 13.48 -1.45
CA LEU A 174 -12.81 13.50 -2.34
C LEU A 174 -13.18 12.97 -3.72
N ASN A 175 -13.79 11.78 -3.82
CA ASN A 175 -14.13 11.14 -5.10
C ASN A 175 -15.17 11.91 -5.86
N PHE A 176 -16.19 12.45 -5.15
CA PHE A 176 -17.26 13.26 -5.75
C PHE A 176 -16.71 14.58 -6.29
N SER A 177 -15.76 15.21 -5.59
CA SER A 177 -15.12 16.45 -6.05
C SER A 177 -14.24 16.18 -7.29
N VAL A 178 -13.59 15.00 -7.36
CA VAL A 178 -12.80 14.56 -8.51
C VAL A 178 -13.74 14.29 -9.68
N PHE A 179 -14.96 13.75 -9.42
CA PHE A 179 -15.99 13.56 -10.45
C PHE A 179 -16.36 14.92 -11.08
N TYR A 180 -16.62 15.95 -10.25
CA TYR A 180 -16.97 17.27 -10.74
C TYR A 180 -15.81 17.87 -11.54
N TYR A 181 -14.58 17.72 -11.05
CA TYR A 181 -13.41 18.26 -11.71
C TYR A 181 -13.10 17.52 -13.04
N GLU A 182 -12.96 16.20 -13.02
CA GLU A 182 -12.55 15.41 -14.19
C GLU A 182 -13.69 15.04 -15.14
N ILE A 183 -14.87 14.71 -14.62
CA ILE A 183 -15.96 14.23 -15.47
C ILE A 183 -16.86 15.40 -15.92
N LEU A 184 -17.25 16.31 -15.00
CA LEU A 184 -18.09 17.44 -15.39
C LEU A 184 -17.27 18.66 -15.80
N ASN A 185 -15.91 18.60 -15.64
CA ASN A 185 -15.00 19.70 -15.99
C ASN A 185 -15.46 21.00 -15.31
N SER A 186 -15.80 20.88 -14.00
CA SER A 186 -16.25 21.97 -13.16
C SER A 186 -15.30 22.22 -11.98
N PRO A 187 -14.22 22.98 -12.22
CA PRO A 187 -13.35 23.35 -11.08
C PRO A 187 -14.13 24.06 -9.95
N GLU A 188 -15.18 24.83 -10.27
CA GLU A 188 -15.98 25.53 -9.26
C GLU A 188 -16.74 24.55 -8.34
N LYS A 189 -17.46 23.55 -8.96
CA LYS A 189 -18.24 22.57 -8.22
C LYS A 189 -17.32 21.66 -7.44
N ALA A 190 -16.15 21.32 -7.99
CA ALA A 190 -15.15 20.49 -7.33
C ALA A 190 -14.60 21.18 -6.07
N CYS A 191 -14.24 22.49 -6.18
CA CYS A 191 -13.70 23.28 -5.08
C CYS A 191 -14.77 23.53 -4.02
N SER A 192 -15.99 23.85 -4.44
CA SER A 192 -17.08 24.12 -3.49
C SER A 192 -17.28 22.91 -2.57
N LEU A 193 -17.33 21.71 -3.13
CA LEU A 193 -17.51 20.47 -2.39
C LEU A 193 -16.31 20.15 -1.50
N ALA A 194 -15.08 20.23 -2.05
CA ALA A 194 -13.87 19.95 -1.28
C ALA A 194 -13.69 20.98 -0.11
N LYS A 195 -13.97 22.28 -0.35
CA LYS A 195 -13.87 23.34 0.68
C LYS A 195 -14.84 23.10 1.85
N THR A 196 -16.12 22.84 1.53
CA THR A 196 -17.17 22.62 2.53
C THR A 196 -16.83 21.40 3.39
N ALA A 197 -16.40 20.31 2.77
CA ALA A 197 -16.05 19.07 3.47
C ALA A 197 -14.85 19.29 4.37
N PHE A 198 -13.84 20.05 3.88
CA PHE A 198 -12.62 20.35 4.63
C PHE A 198 -12.95 21.23 5.85
N ASP A 199 -13.69 22.33 5.63
CA ASP A 199 -14.11 23.29 6.66
C ASP A 199 -14.93 22.61 7.75
N GLU A 200 -15.92 21.81 7.36
CA GLU A 200 -16.79 21.06 8.27
C GLU A 200 -15.96 20.05 9.11
N ALA A 201 -14.94 19.41 8.50
CA ALA A 201 -14.07 18.47 9.21
C ALA A 201 -13.11 19.16 10.18
N ILE A 202 -12.46 20.29 9.78
CA ILE A 202 -11.53 20.99 10.67
C ILE A 202 -12.29 21.67 11.82
N ALA A 203 -13.58 22.02 11.63
CA ALA A 203 -14.38 22.63 12.70
C ALA A 203 -14.70 21.57 13.78
N GLU A 204 -14.74 20.26 13.41
CA GLU A 204 -15.11 19.25 14.40
C GLU A 204 -14.10 18.10 14.52
N LEU A 205 -12.82 18.43 14.69
CA LEU A 205 -11.74 17.44 14.84
C LEU A 205 -11.89 16.62 16.14
N ASP A 206 -12.68 17.16 17.09
CA ASP A 206 -13.04 16.47 18.33
C ASP A 206 -13.92 15.22 18.06
N THR A 207 -14.45 15.05 16.83
CA THR A 207 -15.28 13.90 16.42
C THR A 207 -14.41 12.81 15.78
N LEU A 208 -13.07 13.00 15.73
CA LEU A 208 -12.15 11.97 15.20
C LEU A 208 -12.23 10.72 16.03
N ASN A 209 -12.38 9.58 15.37
CA ASN A 209 -12.46 8.30 16.00
C ASN A 209 -11.04 7.83 16.37
N GLU A 210 -10.88 7.31 17.59
CA GLU A 210 -9.58 6.79 18.08
C GLU A 210 -9.07 5.58 17.26
N GLU A 211 -9.93 4.94 16.45
CA GLU A 211 -9.54 3.82 15.59
C GLU A 211 -9.13 4.29 14.22
N SER A 212 -9.73 5.40 13.70
CA SER A 212 -9.45 5.82 12.33
C SER A 212 -9.00 7.25 12.18
N TYR A 213 -8.42 7.87 13.23
CA TYR A 213 -8.04 9.28 13.15
C TYR A 213 -7.02 9.58 12.01
N LYS A 214 -6.04 8.67 11.75
CA LYS A 214 -5.04 8.84 10.69
C LYS A 214 -5.66 8.59 9.30
N ASP A 215 -6.77 7.82 9.23
CA ASP A 215 -7.43 7.69 7.94
C ASP A 215 -8.04 9.03 7.60
N SER A 216 -8.63 9.70 8.62
CA SER A 216 -9.29 10.99 8.44
C SER A 216 -8.32 12.10 8.08
N THR A 217 -7.21 12.24 8.82
CA THR A 217 -6.24 13.32 8.60
C THR A 217 -5.62 13.19 7.20
N LEU A 218 -5.34 11.94 6.76
CA LEU A 218 -4.79 11.66 5.42
C LEU A 218 -5.75 12.16 4.29
N ILE A 219 -7.04 11.79 4.34
CA ILE A 219 -7.99 12.24 3.31
C ILE A 219 -8.19 13.77 3.40
N MET A 220 -8.18 14.34 4.61
CA MET A 220 -8.32 15.78 4.80
C MET A 220 -7.15 16.50 4.10
N GLN A 221 -5.94 15.93 4.15
CA GLN A 221 -4.74 16.43 3.46
C GLN A 221 -4.94 16.36 1.93
N LEU A 222 -5.51 15.25 1.40
CA LEU A 222 -5.79 15.08 -0.04
C LEU A 222 -6.77 16.17 -0.53
N LEU A 223 -7.81 16.47 0.27
CA LEU A 223 -8.82 17.50 0.00
C LEU A 223 -8.17 18.86 -0.06
N ARG A 224 -7.41 19.21 0.97
CA ARG A 224 -6.73 20.49 1.07
C ARG A 224 -5.74 20.68 -0.09
N ASP A 225 -4.96 19.62 -0.41
CA ASP A 225 -3.98 19.64 -1.50
C ASP A 225 -4.65 19.87 -2.84
N ASN A 226 -5.84 19.27 -3.08
CA ASN A 226 -6.60 19.47 -4.30
C ASN A 226 -7.11 20.92 -4.38
N LEU A 227 -7.60 21.48 -3.26
CA LEU A 227 -8.08 22.85 -3.17
C LEU A 227 -7.00 23.85 -3.51
N THR A 228 -5.76 23.70 -2.96
CA THR A 228 -4.66 24.62 -3.24
C THR A 228 -4.18 24.46 -4.70
N LEU A 229 -4.21 23.22 -5.24
CA LEU A 229 -3.82 22.94 -6.64
C LEU A 229 -4.84 23.55 -7.63
N TRP A 230 -6.14 23.40 -7.34
CA TRP A 230 -7.21 23.89 -8.21
C TRP A 230 -7.43 25.42 -8.09
N THR A 231 -7.01 26.08 -6.99
CA THR A 231 -7.17 27.52 -6.78
C THR A 231 -5.84 28.27 -7.08
N SER A 232 -4.95 27.64 -7.90
CA SER A 232 -3.63 28.15 -8.28
C SER A 232 -3.72 29.51 -9.00
N GLU A 233 -2.83 30.47 -8.60
CA GLU A 233 -2.70 31.86 -9.09
C GLU A 233 -3.98 32.66 -8.79
N MET B 3 -4.85 -12.78 -38.26
CA MET B 3 -3.88 -11.70 -38.11
C MET B 3 -2.53 -12.07 -38.73
N ASP B 4 -1.93 -11.08 -39.42
CA ASP B 4 -0.62 -11.13 -40.08
C ASP B 4 0.49 -10.98 -39.01
N LYS B 5 1.75 -11.37 -39.35
CA LYS B 5 2.90 -11.25 -38.43
C LYS B 5 3.05 -9.80 -37.92
N SER B 6 3.00 -8.80 -38.85
CA SER B 6 3.14 -7.37 -38.58
C SER B 6 2.09 -6.88 -37.56
N GLU B 7 0.82 -7.34 -37.70
CA GLU B 7 -0.30 -6.99 -36.83
C GLU B 7 -0.09 -7.54 -35.42
N LEU B 8 0.31 -8.84 -35.34
CA LEU B 8 0.57 -9.57 -34.10
C LEU B 8 1.74 -8.97 -33.33
N VAL B 9 2.81 -8.55 -34.02
CA VAL B 9 4.00 -7.92 -33.41
C VAL B 9 3.59 -6.53 -32.83
N GLN B 10 2.83 -5.72 -33.59
CA GLN B 10 2.35 -4.42 -33.14
C GLN B 10 1.42 -4.60 -31.92
N LYS B 11 0.51 -5.59 -31.99
CA LYS B 11 -0.40 -5.92 -30.89
C LYS B 11 0.42 -6.26 -29.63
N ALA B 12 1.52 -7.05 -29.79
CA ALA B 12 2.41 -7.44 -28.69
C ALA B 12 3.12 -6.22 -28.07
N LYS B 13 3.55 -5.25 -28.91
CA LYS B 13 4.22 -4.03 -28.47
C LYS B 13 3.24 -3.14 -27.70
N LEU B 14 1.96 -3.10 -28.14
CA LEU B 14 0.86 -2.37 -27.49
C LEU B 14 0.55 -3.01 -26.13
N ALA B 15 0.42 -4.36 -26.11
CA ALA B 15 0.12 -5.14 -24.90
C ALA B 15 1.20 -4.95 -23.83
N GLU B 16 2.48 -4.85 -24.24
CA GLU B 16 3.62 -4.61 -23.34
C GLU B 16 3.51 -3.27 -22.61
N GLN B 17 3.24 -2.19 -23.35
CA GLN B 17 3.10 -0.84 -22.82
C GLN B 17 1.96 -0.75 -21.80
N ALA B 18 0.86 -1.47 -22.08
CA ALA B 18 -0.36 -1.57 -21.29
C ALA B 18 -0.18 -2.55 -20.12
N GLU B 19 1.00 -3.22 -20.05
CA GLU B 19 1.36 -4.23 -19.04
C GLU B 19 0.34 -5.38 -19.00
N ARG B 20 -0.10 -5.81 -20.20
CA ARG B 20 -1.06 -6.88 -20.45
C ARG B 20 -0.27 -8.04 -21.07
N TYR B 21 0.50 -8.72 -20.23
CA TYR B 21 1.46 -9.74 -20.63
C TYR B 21 0.85 -11.01 -21.16
N ASP B 22 -0.36 -11.39 -20.70
CA ASP B 22 -1.06 -12.57 -21.24
C ASP B 22 -1.35 -12.34 -22.74
N ASP B 23 -1.76 -11.13 -23.10
CA ASP B 23 -2.01 -10.69 -24.50
C ASP B 23 -0.72 -10.67 -25.30
N MET B 24 0.37 -10.14 -24.71
CA MET B 24 1.70 -10.06 -25.30
C MET B 24 2.22 -11.47 -25.64
N ALA B 25 2.01 -12.43 -24.71
CA ALA B 25 2.45 -13.82 -24.85
C ALA B 25 1.64 -14.56 -25.96
N ALA B 26 0.31 -14.37 -26.00
CA ALA B 26 -0.56 -14.99 -26.99
C ALA B 26 -0.19 -14.54 -28.42
N ALA B 27 0.08 -13.22 -28.59
CA ALA B 27 0.47 -12.58 -29.85
C ALA B 27 1.79 -13.15 -30.35
N MET B 28 2.77 -13.32 -29.45
CA MET B 28 4.10 -13.79 -29.81
C MET B 28 4.12 -15.31 -30.02
N LYS B 29 3.26 -16.06 -29.28
CA LYS B 29 3.07 -17.51 -29.46
C LYS B 29 2.57 -17.78 -30.92
N ALA B 30 1.56 -16.99 -31.37
CA ALA B 30 0.96 -17.04 -32.70
C ALA B 30 1.99 -16.70 -33.78
N VAL B 31 2.89 -15.71 -33.51
CA VAL B 31 3.98 -15.32 -34.42
C VAL B 31 4.92 -16.52 -34.58
N THR B 32 5.35 -17.15 -33.47
CA THR B 32 6.25 -18.31 -33.44
C THR B 32 5.67 -19.49 -34.23
N GLU B 33 4.35 -19.76 -34.04
CA GLU B 33 3.65 -20.88 -34.69
C GLU B 33 3.51 -20.72 -36.23
N GLN B 34 3.92 -19.56 -36.79
CA GLN B 34 3.92 -19.34 -38.25
C GLN B 34 5.09 -20.10 -38.91
N GLY B 35 6.01 -20.58 -38.08
CA GLY B 35 7.12 -21.45 -38.47
C GLY B 35 8.38 -20.79 -38.99
N HIS B 36 8.44 -19.46 -38.97
CA HIS B 36 9.66 -18.83 -39.49
C HIS B 36 10.52 -18.36 -38.32
N GLU B 37 11.84 -18.30 -38.54
CA GLU B 37 12.82 -17.87 -37.53
C GLU B 37 12.50 -16.43 -37.08
N LEU B 38 12.45 -16.22 -35.76
CA LEU B 38 12.11 -14.88 -35.25
C LEU B 38 13.31 -13.93 -35.36
N SER B 39 13.01 -12.62 -35.54
CA SER B 39 13.99 -11.53 -35.51
C SER B 39 14.44 -11.32 -34.06
N ASN B 40 15.56 -10.61 -33.83
CA ASN B 40 16.03 -10.37 -32.46
C ASN B 40 14.98 -9.59 -31.67
N GLU B 41 14.30 -8.64 -32.33
CA GLU B 41 13.22 -7.86 -31.71
C GLU B 41 12.07 -8.77 -31.32
N GLU B 42 11.63 -9.67 -32.25
CA GLU B 42 10.53 -10.60 -32.04
C GLU B 42 10.86 -11.59 -30.93
N ARG B 43 12.09 -12.12 -30.91
CA ARG B 43 12.61 -13.06 -29.91
C ARG B 43 12.56 -12.42 -28.52
N ASN B 44 13.00 -11.15 -28.42
CA ASN B 44 13.03 -10.41 -27.16
C ASN B 44 11.61 -10.13 -26.68
N LEU B 45 10.67 -9.83 -27.60
CA LEU B 45 9.25 -9.61 -27.29
C LEU B 45 8.63 -10.89 -26.70
N LEU B 46 8.95 -12.05 -27.30
CA LEU B 46 8.46 -13.36 -26.85
C LEU B 46 8.99 -13.68 -25.45
N SER B 47 10.30 -13.43 -25.23
CA SER B 47 11.00 -13.68 -23.99
C SER B 47 10.47 -12.79 -22.85
N VAL B 48 10.32 -11.46 -23.09
CA VAL B 48 9.77 -10.53 -22.08
C VAL B 48 8.33 -10.94 -21.70
N ALA B 49 7.50 -11.30 -22.68
CA ALA B 49 6.10 -11.70 -22.51
C ALA B 49 5.95 -12.86 -21.52
N TYR B 50 6.69 -13.94 -21.78
CA TYR B 50 6.60 -15.15 -20.97
C TYR B 50 7.34 -15.00 -19.63
N LYS B 51 8.43 -14.23 -19.58
CA LYS B 51 9.14 -13.94 -18.34
C LYS B 51 8.17 -13.31 -17.32
N ASN B 52 7.29 -12.42 -17.80
CA ASN B 52 6.32 -11.75 -16.95
C ASN B 52 5.14 -12.66 -16.62
N VAL B 53 4.66 -13.43 -17.59
CA VAL B 53 3.55 -14.36 -17.39
C VAL B 53 3.95 -15.44 -16.34
N VAL B 54 5.14 -16.08 -16.50
CA VAL B 54 5.64 -17.14 -15.59
C VAL B 54 6.05 -16.52 -14.24
N GLY B 55 6.71 -15.36 -14.30
CA GLY B 55 7.22 -14.59 -13.17
C GLY B 55 6.17 -14.32 -12.13
N ALA B 56 4.96 -13.90 -12.56
CA ALA B 56 3.85 -13.60 -11.67
C ALA B 56 3.44 -14.85 -10.84
N ARG B 57 3.45 -16.03 -11.48
CA ARG B 57 3.12 -17.32 -10.83
C ARG B 57 4.23 -17.78 -9.92
N ARG B 58 5.53 -17.51 -10.28
CA ARG B 58 6.66 -17.92 -9.43
C ARG B 58 6.57 -17.15 -8.12
N SER B 59 6.34 -15.83 -8.24
CA SER B 59 6.14 -14.90 -7.12
C SER B 59 4.96 -15.35 -6.19
N SER B 60 3.74 -15.55 -6.78
CA SER B 60 2.52 -16.00 -6.08
C SER B 60 2.75 -17.34 -5.34
N TRP B 61 3.44 -18.28 -6.01
CA TRP B 61 3.77 -19.59 -5.46
C TRP B 61 4.61 -19.44 -4.20
N ARG B 62 5.69 -18.61 -4.27
CA ARG B 62 6.60 -18.37 -3.14
C ARG B 62 5.86 -17.78 -1.95
N VAL B 63 4.93 -16.84 -2.18
CA VAL B 63 4.11 -16.19 -1.16
C VAL B 63 3.19 -17.23 -0.50
N ILE B 64 2.44 -18.02 -1.31
CA ILE B 64 1.49 -19.02 -0.79
C ILE B 64 2.24 -20.14 -0.08
N SER B 65 3.43 -20.52 -0.58
CA SER B 65 4.28 -21.53 0.03
C SER B 65 4.76 -21.04 1.39
N SER B 66 5.21 -19.77 1.47
CA SER B 66 5.66 -19.13 2.70
C SER B 66 4.54 -19.10 3.76
N ILE B 67 3.30 -18.74 3.36
CA ILE B 67 2.12 -18.70 4.23
C ILE B 67 1.80 -20.10 4.76
N GLU B 68 1.82 -21.12 3.86
CA GLU B 68 1.55 -22.53 4.18
C GLU B 68 2.35 -23.02 5.39
N GLN B 69 3.65 -22.66 5.46
CA GLN B 69 4.56 -23.05 6.55
C GLN B 69 4.21 -22.33 7.86
N LYS B 70 4.01 -20.99 7.79
CA LYS B 70 3.71 -20.12 8.94
C LYS B 70 2.29 -20.32 9.52
N THR B 71 1.32 -20.86 8.73
CA THR B 71 -0.06 -21.08 9.21
C THR B 71 -0.10 -22.20 10.25
N GLU B 72 -0.08 -23.48 9.79
CA GLU B 72 -0.10 -24.74 10.55
C GLU B 72 -0.87 -24.60 11.89
N ARG B 73 -2.18 -24.31 11.80
CA ARG B 73 -3.07 -24.10 12.95
C ARG B 73 -4.45 -24.76 12.76
N ASN B 74 -5.05 -24.60 11.56
CA ASN B 74 -6.37 -25.10 11.19
C ASN B 74 -6.28 -25.94 9.91
N GLU B 75 -6.80 -27.19 9.96
CA GLU B 75 -6.80 -28.15 8.85
C GLU B 75 -7.64 -27.69 7.66
N LYS B 76 -8.67 -26.86 7.92
CA LYS B 76 -9.54 -26.28 6.90
C LYS B 76 -8.78 -25.16 6.18
N LYS B 77 -7.99 -24.36 6.94
CA LYS B 77 -7.11 -23.29 6.45
C LYS B 77 -5.92 -23.89 5.67
N GLN B 78 -5.40 -25.04 6.18
CA GLN B 78 -4.29 -25.79 5.59
C GLN B 78 -4.69 -26.33 4.21
N GLN B 79 -5.92 -26.84 4.08
CA GLN B 79 -6.48 -27.37 2.84
C GLN B 79 -6.71 -26.27 1.80
N MET B 80 -7.11 -25.05 2.24
CA MET B 80 -7.31 -23.92 1.34
C MET B 80 -5.97 -23.51 0.71
N GLY B 81 -4.93 -23.35 1.55
CA GLY B 81 -3.58 -23.00 1.15
C GLY B 81 -2.96 -23.99 0.19
N LYS B 82 -3.10 -25.31 0.52
CA LYS B 82 -2.61 -26.43 -0.30
C LYS B 82 -3.26 -26.36 -1.68
N GLU B 83 -4.61 -26.30 -1.70
CA GLU B 83 -5.44 -26.22 -2.90
C GLU B 83 -5.04 -25.07 -3.79
N TYR B 84 -4.88 -23.87 -3.19
CA TYR B 84 -4.53 -22.63 -3.86
C TYR B 84 -3.13 -22.71 -4.43
N ARG B 85 -2.14 -23.27 -3.69
CA ARG B 85 -0.79 -23.42 -4.20
C ARG B 85 -0.76 -24.36 -5.40
N GLU B 86 -1.56 -25.44 -5.33
CA GLU B 86 -1.64 -26.43 -6.42
C GLU B 86 -2.27 -25.82 -7.68
N LYS B 87 -3.26 -24.89 -7.50
CA LYS B 87 -3.92 -24.13 -8.59
C LYS B 87 -2.85 -23.29 -9.35
N ILE B 88 -2.01 -22.54 -8.58
CA ILE B 88 -0.90 -21.71 -9.09
C ILE B 88 0.11 -22.62 -9.80
N GLU B 89 0.49 -23.76 -9.16
CA GLU B 89 1.40 -24.78 -9.73
C GLU B 89 0.92 -25.25 -11.10
N ALA B 90 -0.37 -25.64 -11.20
CA ALA B 90 -0.97 -26.12 -12.45
C ALA B 90 -0.86 -25.04 -13.56
N GLU B 91 -1.03 -23.75 -13.21
CA GLU B 91 -0.90 -22.63 -14.17
C GLU B 91 0.55 -22.50 -14.62
N LEU B 92 1.49 -22.59 -13.68
CA LEU B 92 2.92 -22.48 -13.94
C LEU B 92 3.36 -23.59 -14.90
N GLN B 93 2.88 -24.82 -14.67
CA GLN B 93 3.19 -25.98 -15.50
C GLN B 93 2.64 -25.76 -16.90
N ASP B 94 1.43 -25.23 -17.05
CA ASP B 94 0.86 -24.89 -18.36
C ASP B 94 1.71 -23.86 -19.11
N ILE B 95 2.18 -22.79 -18.40
CA ILE B 95 2.99 -21.72 -18.99
C ILE B 95 4.30 -22.29 -19.52
N CYS B 96 5.01 -23.01 -18.67
CA CYS B 96 6.28 -23.64 -19.01
C CYS B 96 6.13 -24.64 -20.12
N ASN B 97 5.06 -25.44 -20.11
CA ASN B 97 4.82 -26.44 -21.16
C ASN B 97 4.60 -25.76 -22.52
N ASP B 98 3.87 -24.63 -22.58
CA ASP B 98 3.67 -23.89 -23.82
C ASP B 98 4.98 -23.35 -24.39
N VAL B 99 5.84 -22.75 -23.54
CA VAL B 99 7.09 -22.17 -24.04
C VAL B 99 8.04 -23.30 -24.44
N LEU B 100 8.08 -24.41 -23.65
CA LEU B 100 8.92 -25.57 -23.99
C LEU B 100 8.46 -26.22 -25.30
N GLU B 101 7.15 -26.15 -25.61
CA GLU B 101 6.57 -26.64 -26.86
C GLU B 101 7.07 -25.75 -28.02
N LEU B 102 7.06 -24.41 -27.86
CA LEU B 102 7.55 -23.47 -28.86
C LEU B 102 9.04 -23.65 -29.11
N LEU B 103 9.79 -23.91 -28.04
CA LEU B 103 11.24 -24.11 -28.09
C LEU B 103 11.59 -25.39 -28.84
N ASP B 104 10.92 -26.51 -28.53
CA ASP B 104 11.18 -27.80 -29.18
C ASP B 104 10.65 -27.85 -30.61
N LYS B 105 9.45 -27.31 -30.86
CA LYS B 105 8.83 -27.36 -32.17
C LYS B 105 9.37 -26.31 -33.16
N TYR B 106 9.66 -25.09 -32.71
CA TYR B 106 10.05 -24.04 -33.66
C TYR B 106 11.38 -23.34 -33.37
N LEU B 107 11.53 -22.74 -32.18
CA LEU B 107 12.64 -21.86 -31.80
C LEU B 107 14.01 -22.51 -31.89
N ILE B 108 14.21 -23.68 -31.27
CA ILE B 108 15.49 -24.38 -31.32
C ILE B 108 15.74 -24.97 -32.75
N PRO B 109 14.81 -25.72 -33.40
CA PRO B 109 15.12 -26.27 -34.74
C PRO B 109 15.35 -25.24 -35.85
N ASN B 110 14.70 -24.05 -35.78
CA ASN B 110 14.85 -23.00 -36.78
C ASN B 110 16.05 -22.06 -36.50
N ALA B 111 16.72 -22.17 -35.33
CA ALA B 111 17.85 -21.29 -34.99
C ALA B 111 19.06 -21.62 -35.87
N THR B 112 19.44 -20.64 -36.73
CA THR B 112 20.52 -20.78 -37.72
C THR B 112 21.86 -20.22 -37.20
N GLN B 113 21.84 -19.18 -36.37
CA GLN B 113 23.07 -18.60 -35.81
C GLN B 113 23.32 -19.17 -34.39
N PRO B 114 24.61 -19.40 -34.01
CA PRO B 114 24.89 -19.96 -32.67
C PRO B 114 24.37 -19.10 -31.51
N GLU B 115 24.39 -17.77 -31.71
CA GLU B 115 23.91 -16.70 -30.81
C GLU B 115 22.49 -17.04 -30.32
N SER B 116 21.59 -17.34 -31.28
CA SER B 116 20.17 -17.67 -31.10
C SER B 116 19.99 -19.07 -30.55
N LYS B 117 20.81 -20.04 -31.02
CA LYS B 117 20.88 -21.43 -30.57
C LYS B 117 21.17 -21.46 -29.06
N VAL B 118 22.16 -20.65 -28.61
CA VAL B 118 22.54 -20.53 -27.20
C VAL B 118 21.37 -19.92 -26.40
N PHE B 119 20.79 -18.81 -26.91
CA PHE B 119 19.66 -18.09 -26.31
C PHE B 119 18.48 -19.02 -26.02
N TYR B 120 18.06 -19.80 -27.02
CA TYR B 120 16.90 -20.68 -26.88
C TYR B 120 17.16 -21.90 -26.01
N LEU B 121 18.37 -22.45 -26.05
CA LEU B 121 18.73 -23.58 -25.20
C LEU B 121 18.83 -23.12 -23.76
N LYS B 122 19.37 -21.91 -23.53
CA LYS B 122 19.42 -21.27 -22.21
C LYS B 122 17.97 -21.12 -21.69
N MET B 123 17.07 -20.63 -22.57
CA MET B 123 15.65 -20.43 -22.28
C MET B 123 15.00 -21.76 -21.89
N LYS B 124 15.36 -22.86 -22.59
CA LYS B 124 14.88 -24.22 -22.33
C LYS B 124 15.29 -24.66 -20.92
N GLY B 125 16.54 -24.35 -20.54
CA GLY B 125 17.09 -24.62 -19.22
C GLY B 125 16.31 -23.85 -18.17
N ASP B 126 16.04 -22.56 -18.44
CA ASP B 126 15.29 -21.67 -17.54
C ASP B 126 13.90 -22.20 -17.23
N TYR B 127 13.11 -22.57 -18.25
CA TYR B 127 11.74 -23.02 -18.05
C TYR B 127 11.67 -24.43 -17.43
N PHE B 128 12.68 -25.29 -17.69
CA PHE B 128 12.72 -26.58 -16.99
C PHE B 128 13.09 -26.34 -15.52
N ARG B 129 13.95 -25.33 -15.25
CA ARG B 129 14.33 -24.91 -13.89
C ARG B 129 13.07 -24.45 -13.14
N TYR B 130 12.18 -23.69 -13.81
CA TYR B 130 10.93 -23.20 -13.21
C TYR B 130 10.00 -24.37 -12.90
N LEU B 131 9.94 -25.37 -13.80
CA LEU B 131 9.13 -26.57 -13.54
C LEU B 131 9.67 -27.34 -12.35
N SER B 132 11.02 -27.37 -12.18
CA SER B 132 11.74 -28.06 -11.11
C SER B 132 11.44 -27.51 -9.73
N GLU B 133 11.26 -26.16 -9.65
CA GLU B 133 11.01 -25.45 -8.40
C GLU B 133 9.72 -25.92 -7.72
N VAL B 134 8.72 -26.32 -8.52
CA VAL B 134 7.41 -26.74 -7.97
C VAL B 134 7.22 -28.27 -8.06
N ALA B 135 8.05 -28.99 -8.85
CA ALA B 135 7.97 -30.45 -9.02
C ALA B 135 8.49 -31.22 -7.80
N SER B 136 8.04 -32.47 -7.68
CA SER B 136 8.41 -33.41 -6.62
C SER B 136 8.62 -34.80 -7.21
N GLY B 137 9.36 -35.64 -6.47
CA GLY B 137 9.65 -37.01 -6.84
C GLY B 137 10.31 -37.25 -8.19
N ASP B 138 9.69 -38.14 -8.99
CA ASP B 138 10.16 -38.61 -10.31
C ASP B 138 10.13 -37.53 -11.34
N ASN B 139 9.03 -36.77 -11.38
CA ASN B 139 8.86 -35.65 -12.29
C ASN B 139 9.95 -34.62 -12.06
N LYS B 140 10.29 -34.34 -10.77
CA LYS B 140 11.35 -33.39 -10.40
C LYS B 140 12.68 -33.84 -11.01
N GLN B 141 13.01 -35.13 -10.89
CA GLN B 141 14.26 -35.72 -11.42
C GLN B 141 14.34 -35.54 -12.96
N THR B 142 13.18 -35.64 -13.67
CA THR B 142 13.07 -35.49 -15.12
C THR B 142 13.30 -34.01 -15.52
N THR B 143 12.60 -33.06 -14.85
CA THR B 143 12.72 -31.63 -15.12
C THR B 143 14.13 -31.13 -14.76
N VAL B 144 14.70 -31.61 -13.63
CA VAL B 144 16.03 -31.21 -13.16
C VAL B 144 17.11 -31.68 -14.17
N SER B 145 16.99 -32.91 -14.71
CA SER B 145 17.93 -33.43 -15.71
C SER B 145 17.80 -32.65 -17.03
N ASN B 146 16.55 -32.41 -17.49
CA ASN B 146 16.27 -31.67 -18.72
C ASN B 146 16.81 -30.25 -18.66
N SER B 147 16.76 -29.62 -17.48
CA SER B 147 17.30 -28.27 -17.26
C SER B 147 18.81 -28.25 -17.43
N GLN B 148 19.51 -29.15 -16.72
CA GLN B 148 20.97 -29.27 -16.77
C GLN B 148 21.42 -29.57 -18.21
N GLN B 149 20.73 -30.50 -18.90
CA GLN B 149 21.05 -30.91 -20.28
C GLN B 149 20.95 -29.72 -21.24
N ALA B 150 19.87 -28.92 -21.14
CA ALA B 150 19.66 -27.76 -22.00
C ALA B 150 20.71 -26.69 -21.74
N TYR B 151 20.99 -26.42 -20.44
CA TYR B 151 22.01 -25.46 -20.03
C TYR B 151 23.40 -25.87 -20.53
N GLN B 152 23.72 -27.17 -20.42
CA GLN B 152 25.02 -27.73 -20.83
C GLN B 152 25.21 -27.63 -22.34
N GLU B 153 24.16 -28.01 -23.11
CA GLU B 153 24.07 -27.96 -24.56
C GLU B 153 24.32 -26.48 -25.05
N ALA B 154 23.72 -25.49 -24.35
CA ALA B 154 23.88 -24.06 -24.64
C ALA B 154 25.33 -23.59 -24.34
N PHE B 155 25.88 -24.03 -23.18
CA PHE B 155 27.21 -23.69 -22.68
C PHE B 155 28.32 -24.18 -23.62
N GLU B 156 28.15 -25.38 -24.20
CA GLU B 156 29.09 -25.97 -25.14
C GLU B 156 29.20 -25.09 -26.41
N ILE B 157 28.04 -24.67 -26.97
CA ILE B 157 27.98 -23.83 -28.17
C ILE B 157 28.52 -22.41 -27.82
N SER B 158 28.21 -21.88 -26.61
CA SER B 158 28.63 -20.54 -26.17
C SER B 158 30.16 -20.44 -25.99
N LYS B 159 30.82 -21.51 -25.50
CA LYS B 159 32.28 -21.52 -25.30
C LYS B 159 33.05 -21.65 -26.65
N LYS B 160 32.44 -22.30 -27.66
CA LYS B 160 33.07 -22.50 -28.97
C LYS B 160 32.80 -21.39 -29.98
N GLU B 161 31.60 -20.76 -29.95
CA GLU B 161 31.21 -19.80 -30.97
C GLU B 161 31.02 -18.36 -30.50
N MET B 162 31.05 -18.11 -29.18
CA MET B 162 30.82 -16.77 -28.63
C MET B 162 32.02 -16.25 -27.85
N GLN B 163 32.13 -14.91 -27.78
CA GLN B 163 33.16 -14.20 -27.00
C GLN B 163 32.82 -14.34 -25.51
N PRO B 164 33.83 -14.43 -24.60
CA PRO B 164 33.49 -14.58 -23.15
C PRO B 164 32.65 -13.45 -22.57
N THR B 165 32.67 -12.27 -23.23
CA THR B 165 31.94 -11.06 -22.82
C THR B 165 30.54 -10.94 -23.46
N HIS B 166 30.16 -11.85 -24.39
CA HIS B 166 28.84 -11.76 -25.02
C HIS B 166 27.73 -11.81 -23.94
N PRO B 167 26.77 -10.83 -23.94
CA PRO B 167 25.72 -10.84 -22.90
C PRO B 167 24.87 -12.13 -22.86
N ILE B 168 24.67 -12.81 -24.01
CA ILE B 168 23.92 -14.07 -24.04
C ILE B 168 24.74 -15.17 -23.34
N ARG B 169 26.07 -15.21 -23.57
CA ARG B 169 26.98 -16.17 -22.93
C ARG B 169 27.06 -15.92 -21.40
N LEU B 170 27.11 -14.65 -21.00
CA LEU B 170 27.20 -14.23 -19.60
C LEU B 170 25.90 -14.48 -18.85
N GLY B 171 24.75 -14.23 -19.49
CA GLY B 171 23.43 -14.47 -18.94
C GLY B 171 23.23 -15.95 -18.70
N LEU B 172 23.74 -16.78 -19.62
CA LEU B 172 23.70 -18.24 -19.51
C LEU B 172 24.52 -18.69 -18.31
N ALA B 173 25.76 -18.17 -18.17
CA ALA B 173 26.65 -18.50 -17.05
C ALA B 173 25.99 -18.15 -15.71
N LEU B 174 25.27 -17.02 -15.67
CA LEU B 174 24.57 -16.59 -14.47
C LEU B 174 23.43 -17.54 -14.13
N ASN B 175 22.53 -17.83 -15.09
CA ASN B 175 21.35 -18.65 -14.85
C ASN B 175 21.70 -20.10 -14.54
N PHE B 176 22.73 -20.65 -15.22
CA PHE B 176 23.21 -22.01 -15.02
C PHE B 176 23.85 -22.16 -13.63
N SER B 177 24.59 -21.13 -13.17
CA SER B 177 25.21 -21.14 -11.83
C SER B 177 24.11 -21.06 -10.74
N VAL B 178 23.02 -20.31 -11.01
CA VAL B 178 21.86 -20.20 -10.11
C VAL B 178 21.15 -21.56 -10.06
N PHE B 179 21.08 -22.28 -11.20
CA PHE B 179 20.52 -23.64 -11.27
C PHE B 179 21.31 -24.58 -10.33
N TYR B 180 22.66 -24.55 -10.41
CA TYR B 180 23.49 -25.38 -9.55
C TYR B 180 23.29 -25.04 -8.08
N TYR B 181 23.23 -23.74 -7.78
CA TYR B 181 23.05 -23.27 -6.41
C TYR B 181 21.65 -23.59 -5.84
N GLU B 182 20.58 -23.17 -6.53
CA GLU B 182 19.22 -23.32 -6.04
C GLU B 182 18.58 -24.69 -6.30
N ILE B 183 18.83 -25.29 -7.47
CA ILE B 183 18.16 -26.54 -7.83
C ILE B 183 18.98 -27.76 -7.41
N LEU B 184 20.31 -27.76 -7.68
CA LEU B 184 21.13 -28.91 -7.29
C LEU B 184 21.73 -28.73 -5.89
N ASN B 185 21.53 -27.55 -5.25
CA ASN B 185 22.06 -27.22 -3.91
C ASN B 185 23.57 -27.51 -3.85
N SER B 186 24.32 -27.07 -4.89
CA SER B 186 25.75 -27.29 -4.98
C SER B 186 26.49 -25.93 -5.09
N PRO B 187 26.72 -25.24 -3.93
CA PRO B 187 27.47 -23.95 -3.95
C PRO B 187 28.83 -24.05 -4.65
N GLU B 188 29.49 -25.23 -4.60
CA GLU B 188 30.78 -25.44 -5.25
C GLU B 188 30.67 -25.37 -6.77
N LYS B 189 29.69 -26.11 -7.36
CA LYS B 189 29.44 -26.13 -8.81
C LYS B 189 29.00 -24.76 -9.29
N ALA B 190 28.21 -24.05 -8.45
CA ALA B 190 27.71 -22.70 -8.68
C ALA B 190 28.84 -21.68 -8.76
N CYS B 191 29.78 -21.74 -7.78
CA CYS B 191 30.90 -20.81 -7.71
C CYS B 191 31.97 -21.13 -8.74
N SER B 192 32.15 -22.41 -9.11
CA SER B 192 33.14 -22.81 -10.14
C SER B 192 32.75 -22.23 -11.50
N LEU B 193 31.47 -22.37 -11.89
CA LEU B 193 30.94 -21.88 -13.15
C LEU B 193 30.94 -20.34 -13.21
N ALA B 194 30.46 -19.68 -12.13
CA ALA B 194 30.39 -18.22 -12.04
C ALA B 194 31.78 -17.58 -12.08
N LYS B 195 32.77 -18.19 -11.37
CA LYS B 195 34.16 -17.72 -11.31
C LYS B 195 34.84 -17.81 -12.68
N THR B 196 34.75 -18.97 -13.35
CA THR B 196 35.37 -19.20 -14.66
C THR B 196 34.81 -18.22 -15.70
N ALA B 197 33.48 -18.00 -15.72
CA ALA B 197 32.83 -17.08 -16.64
C ALA B 197 33.27 -15.65 -16.38
N PHE B 198 33.40 -15.25 -15.10
CA PHE B 198 33.83 -13.91 -14.68
C PHE B 198 35.29 -13.68 -15.09
N ASP B 199 36.20 -14.63 -14.76
CA ASP B 199 37.63 -14.58 -15.05
C ASP B 199 37.89 -14.50 -16.55
N GLU B 200 37.20 -15.36 -17.35
CA GLU B 200 37.30 -15.38 -18.81
C GLU B 200 36.84 -14.05 -19.42
N ALA B 201 35.79 -13.43 -18.84
CA ALA B 201 35.26 -12.16 -19.33
C ALA B 201 36.18 -10.98 -18.97
N ILE B 202 36.72 -10.91 -17.72
CA ILE B 202 37.61 -9.80 -17.32
C ILE B 202 38.96 -9.89 -18.05
N ALA B 203 39.37 -11.11 -18.47
CA ALA B 203 40.62 -11.28 -19.22
C ALA B 203 40.49 -10.74 -20.66
N GLU B 204 39.26 -10.74 -21.25
CA GLU B 204 39.06 -10.32 -22.64
C GLU B 204 38.03 -9.17 -22.80
N LEU B 205 38.13 -8.11 -21.97
CA LEU B 205 37.21 -6.96 -22.03
C LEU B 205 37.35 -6.13 -23.31
N ASP B 206 38.59 -6.01 -23.84
CA ASP B 206 38.95 -5.22 -25.04
C ASP B 206 38.14 -5.64 -26.27
N SER B 212 32.83 -0.71 -25.87
CA SER B 212 31.94 0.19 -25.12
C SER B 212 30.61 -0.51 -24.83
N TYR B 213 30.60 -1.41 -23.83
CA TYR B 213 29.41 -2.18 -23.47
C TYR B 213 29.20 -2.25 -21.96
N LYS B 214 28.21 -1.49 -21.46
CA LYS B 214 27.80 -1.49 -20.06
C LYS B 214 26.88 -2.70 -19.82
N ASP B 215 26.35 -3.25 -20.93
CA ASP B 215 25.47 -4.42 -21.08
C ASP B 215 26.05 -5.61 -20.36
N SER B 216 27.16 -6.11 -20.92
CA SER B 216 28.04 -7.16 -20.43
C SER B 216 28.54 -6.85 -19.03
N THR B 217 28.93 -5.57 -18.75
CA THR B 217 29.45 -5.16 -17.44
C THR B 217 28.40 -5.37 -16.34
N LEU B 218 27.11 -5.12 -16.63
CA LEU B 218 26.01 -5.32 -15.68
C LEU B 218 25.88 -6.80 -15.27
N ILE B 219 25.89 -7.72 -16.27
CA ILE B 219 25.77 -9.16 -16.02
C ILE B 219 27.00 -9.65 -15.25
N MET B 220 28.19 -9.15 -15.63
CA MET B 220 29.47 -9.48 -14.97
C MET B 220 29.41 -9.09 -13.48
N GLN B 221 28.77 -7.95 -13.16
CA GLN B 221 28.55 -7.48 -11.79
C GLN B 221 27.64 -8.43 -11.02
N LEU B 222 26.56 -8.95 -11.67
CA LEU B 222 25.64 -9.91 -11.05
C LEU B 222 26.37 -11.21 -10.66
N LEU B 223 27.25 -11.70 -11.56
CA LEU B 223 28.08 -12.91 -11.36
C LEU B 223 29.06 -12.70 -10.21
N ARG B 224 29.79 -11.55 -10.18
CA ARG B 224 30.74 -11.20 -9.12
C ARG B 224 30.01 -11.07 -7.77
N ASP B 225 28.84 -10.40 -7.76
CA ASP B 225 28.02 -10.22 -6.56
C ASP B 225 27.55 -11.55 -5.98
N ASN B 226 27.20 -12.52 -6.85
CA ASN B 226 26.81 -13.85 -6.41
C ASN B 226 28.00 -14.58 -5.80
N LEU B 227 29.18 -14.47 -6.44
CA LEU B 227 30.42 -15.10 -5.97
C LEU B 227 30.81 -14.63 -4.58
N THR B 228 30.75 -13.30 -4.32
CA THR B 228 31.10 -12.73 -3.01
C THR B 228 30.03 -13.11 -1.96
N LEU B 229 28.74 -13.19 -2.36
CA LEU B 229 27.63 -13.59 -1.48
C LEU B 229 27.74 -15.08 -1.09
N TRP B 230 28.08 -15.94 -2.06
CA TRP B 230 28.19 -17.38 -1.84
C TRP B 230 29.48 -17.80 -1.14
N THR B 231 30.55 -16.96 -1.18
CA THR B 231 31.84 -17.27 -0.52
C THR B 231 31.96 -16.49 0.81
N SER B 232 30.81 -16.13 1.42
CA SER B 232 30.70 -15.37 2.68
C SER B 232 31.33 -16.13 3.85
N GLY C 23 11.19 5.81 51.33
CA GLY C 23 12.60 6.13 51.18
C GLY C 23 12.81 7.36 50.32
N ALA C 24 13.10 7.17 49.02
CA ALA C 24 13.29 8.23 48.03
C ALA C 24 11.98 9.00 47.80
N ASP C 25 10.85 8.24 47.80
CA ASP C 25 9.49 8.75 47.67
C ASP C 25 9.15 9.59 48.91
N LYS C 26 9.47 9.07 50.11
CA LYS C 26 9.25 9.75 51.39
C LYS C 26 10.12 11.03 51.50
N ALA C 27 11.39 10.96 51.04
CA ALA C 27 12.32 12.10 51.05
C ALA C 27 11.75 13.28 50.20
N LEU C 28 11.30 12.98 48.97
CA LEU C 28 10.67 13.92 48.03
C LEU C 28 9.32 14.39 48.59
N ALA C 29 8.51 13.46 49.14
CA ALA C 29 7.20 13.80 49.72
C ALA C 29 7.36 14.81 50.86
N ASP C 30 8.38 14.60 51.72
CA ASP C 30 8.71 15.48 52.83
C ASP C 30 9.18 16.82 52.32
N GLY C 31 10.00 16.81 51.27
CA GLY C 31 10.52 18.01 50.61
C GLY C 31 9.40 18.92 50.12
N LEU C 32 8.35 18.31 49.51
CA LEU C 32 7.15 18.98 49.01
C LEU C 32 6.31 19.58 50.16
N VAL C 33 6.17 18.86 51.30
CA VAL C 33 5.41 19.37 52.46
C VAL C 33 6.20 20.49 53.17
N LYS C 34 7.52 20.33 53.28
CA LYS C 34 8.36 21.36 53.89
C LYS C 34 8.26 22.66 53.11
N ARG C 35 8.27 22.56 51.74
CA ARG C 35 8.26 23.69 50.81
C ARG C 35 6.89 24.29 50.56
N PHE C 36 5.85 23.47 50.34
CA PHE C 36 4.51 23.98 50.02
C PHE C 36 3.49 23.82 51.12
N GLY C 37 3.85 23.21 52.26
CA GLY C 37 2.91 23.01 53.37
C GLY C 37 1.56 22.47 52.93
N ALA C 38 0.47 23.09 53.43
CA ALA C 38 -0.94 22.72 53.18
C ALA C 38 -1.32 22.74 51.70
N ASP C 39 -0.55 23.48 50.88
CA ASP C 39 -0.73 23.59 49.43
C ASP C 39 -0.44 22.24 48.79
N ALA C 40 0.55 21.52 49.30
CA ALA C 40 0.88 20.18 48.82
C ALA C 40 -0.04 19.12 49.48
N GLU C 41 -0.23 19.23 50.80
CA GLU C 41 -0.97 18.27 51.61
C GLU C 41 -2.47 18.14 51.27
N LYS C 42 -3.13 19.19 50.73
CA LYS C 42 -4.55 19.04 50.37
C LYS C 42 -4.76 17.91 49.33
N TYR C 43 -3.73 17.60 48.51
CA TYR C 43 -3.81 16.54 47.50
C TYR C 43 -3.55 15.16 48.05
N LEU C 44 -3.14 15.00 49.33
CA LEU C 44 -2.86 13.70 49.93
C LEU C 44 -4.11 12.81 50.03
N GLY C 45 -4.01 11.62 49.42
CA GLY C 45 -5.05 10.61 49.39
C GLY C 45 -6.13 10.76 48.34
N ARG C 46 -5.98 11.72 47.41
CA ARG C 46 -6.98 12.02 46.37
C ARG C 46 -7.06 10.91 45.26
N GLN C 47 -6.10 9.98 45.24
CA GLN C 47 -6.21 8.87 44.30
C GLN C 47 -6.06 7.56 45.10
N PRO C 48 -7.15 7.07 45.79
CA PRO C 48 -7.04 5.82 46.58
C PRO C 48 -6.73 4.57 45.74
N GLY C 49 -6.88 4.68 44.41
CA GLY C 49 -6.44 3.67 43.46
C GLY C 49 -4.97 3.96 43.27
N GLY C 50 -4.25 3.79 44.40
CA GLY C 50 -2.86 4.15 44.64
C GLY C 50 -1.75 3.66 43.74
N ILE C 51 -1.83 3.98 42.44
CA ILE C 51 -0.74 3.64 41.52
C ILE C 51 0.46 4.57 41.84
N HIS C 52 0.19 5.85 42.18
CA HIS C 52 1.25 6.80 42.47
C HIS C 52 1.48 7.03 43.95
N SER C 53 2.74 7.30 44.32
CA SER C 53 3.20 7.64 45.67
C SER C 53 2.60 8.98 46.10
N ASP C 54 2.70 9.31 47.40
CA ASP C 54 2.22 10.58 47.97
C ASP C 54 2.91 11.76 47.30
N ALA C 55 4.22 11.67 47.08
CA ALA C 55 5.06 12.67 46.42
C ALA C 55 4.56 13.01 45.03
N GLU C 56 4.17 11.98 44.26
CA GLU C 56 3.68 12.10 42.89
C GLU C 56 2.29 12.74 42.84
N VAL C 57 1.37 12.27 43.71
CA VAL C 57 -0.01 12.77 43.82
C VAL C 57 0.03 14.27 44.20
N MET C 58 0.87 14.65 45.18
CA MET C 58 1.01 16.07 45.57
C MET C 58 1.64 16.89 44.43
N ALA C 59 2.71 16.38 43.77
CA ALA C 59 3.36 17.11 42.67
C ALA C 59 2.40 17.34 41.47
N LEU C 60 1.63 16.28 41.08
CA LEU C 60 0.65 16.35 39.99
C LEU C 60 -0.46 17.34 40.35
N GLY C 61 -0.87 17.36 41.63
CA GLY C 61 -1.89 18.29 42.13
C GLY C 61 -1.46 19.74 42.12
N LEU C 62 -0.26 20.00 42.67
CA LEU C 62 0.34 21.34 42.73
C LEU C 62 0.45 21.91 41.32
N TYR C 63 0.93 21.09 40.37
CA TYR C 63 1.02 21.48 38.96
C TYR C 63 -0.37 21.77 38.40
N THR C 64 -1.29 20.79 38.46
CA THR C 64 -2.60 20.91 37.82
C THR C 64 -3.37 22.10 38.35
N GLY C 65 -3.39 22.26 39.68
CA GLY C 65 -4.11 23.34 40.33
C GLY C 65 -3.63 24.74 40.00
N ILE C 66 -2.29 25.00 40.01
CA ILE C 66 -1.82 26.36 39.75
C ILE C 66 -0.37 26.49 39.23
N HIS C 67 0.52 25.61 39.65
CA HIS C 67 1.95 25.75 39.34
C HIS C 67 2.33 25.44 37.92
N TYR C 68 1.39 24.98 37.09
CA TYR C 68 1.68 24.67 35.69
C TYR C 68 2.21 25.90 34.98
N ALA C 69 1.59 27.07 35.24
CA ALA C 69 1.94 28.31 34.57
C ALA C 69 3.40 28.69 34.85
N ASP C 70 3.79 28.82 36.12
CA ASP C 70 5.17 29.19 36.43
C ASP C 70 6.20 28.09 36.01
N LEU C 71 5.90 26.79 36.28
CA LEU C 71 6.82 25.69 35.95
C LEU C 71 7.12 25.59 34.44
N ASN C 72 6.07 25.47 33.61
CA ASN C 72 6.15 25.35 32.14
C ASN C 72 6.83 26.56 31.49
N ARG C 73 6.62 27.78 32.06
CA ARG C 73 7.26 29.01 31.59
CA ARG C 73 7.27 28.99 31.57
C ARG C 73 8.77 28.90 31.77
N ALA C 74 9.20 28.34 32.93
CA ALA C 74 10.62 28.18 33.25
C ALA C 74 11.29 27.10 32.37
N LEU C 75 10.58 25.98 32.12
CA LEU C 75 11.05 24.87 31.28
C LEU C 75 11.18 25.31 29.84
N ARG C 76 10.16 26.02 29.34
CA ARG C 76 10.05 26.52 27.97
C ARG C 76 11.11 27.59 27.69
N GLN C 77 11.35 28.50 28.66
CA GLN C 77 12.36 29.55 28.52
C GLN C 77 13.80 29.06 28.82
N GLY C 78 13.96 27.87 29.40
CA GLY C 78 15.27 27.32 29.72
C GLY C 78 15.92 27.89 30.96
N GLN C 79 15.09 28.49 31.84
CA GLN C 79 15.51 29.08 33.11
C GLN C 79 15.77 27.99 34.12
N GLU C 80 16.66 28.26 35.08
CA GLU C 80 16.94 27.31 36.16
C GLU C 80 15.72 27.29 37.08
N LEU C 81 15.31 26.10 37.50
CA LEU C 81 14.13 25.96 38.33
C LEU C 81 14.42 26.26 39.77
N ASP C 82 13.55 27.00 40.46
CA ASP C 82 13.75 27.23 41.89
C ASP C 82 13.47 25.90 42.64
N ALA C 83 13.75 25.85 43.95
CA ALA C 83 13.62 24.64 44.78
C ALA C 83 12.23 23.96 44.66
N GLY C 84 11.18 24.78 44.76
CA GLY C 84 9.79 24.36 44.62
C GLY C 84 9.47 23.74 43.28
N GLN C 85 9.87 24.44 42.19
CA GLN C 85 9.71 23.98 40.79
C GLN C 85 10.47 22.65 40.58
N LYS C 86 11.72 22.53 41.14
CA LYS C 86 12.58 21.34 41.07
C LYS C 86 11.89 20.13 41.66
N LEU C 87 11.31 20.29 42.86
CA LEU C 87 10.59 19.24 43.60
C LEU C 87 9.32 18.78 42.83
N ILE C 88 8.51 19.73 42.27
CA ILE C 88 7.29 19.42 41.51
C ILE C 88 7.68 18.65 40.24
N ASP C 89 8.74 19.10 39.55
CA ASP C 89 9.26 18.48 38.32
C ASP C 89 9.79 17.06 38.60
N GLN C 90 10.45 16.80 39.73
CA GLN C 90 10.92 15.42 39.97
C GLN C 90 9.76 14.49 40.40
N GLY C 91 8.75 15.02 41.08
CA GLY C 91 7.55 14.28 41.45
C GLY C 91 6.72 13.89 40.24
N MET C 92 6.67 14.76 39.23
CA MET C 92 5.95 14.50 38.00
C MET C 92 6.72 13.53 37.13
N SER C 93 8.06 13.67 37.01
CA SER C 93 8.92 12.73 36.27
C SER C 93 8.78 11.31 36.81
N ALA C 94 8.83 11.13 38.13
CA ALA C 94 8.70 9.83 38.81
C ALA C 94 7.34 9.19 38.49
N ALA C 95 6.25 10.01 38.50
CA ALA C 95 4.87 9.61 38.19
C ALA C 95 4.77 9.08 36.77
N PHE C 96 5.48 9.68 35.79
CA PHE C 96 5.45 9.22 34.39
C PHE C 96 6.28 7.92 34.25
N GLU C 97 7.34 7.77 35.06
CA GLU C 97 8.18 6.58 35.05
C GLU C 97 7.39 5.34 35.43
N LYS C 98 6.56 5.45 36.47
CA LYS C 98 5.72 4.39 37.01
C LYS C 98 4.50 4.08 36.11
N SER C 99 4.00 5.09 35.39
CA SER C 99 2.77 5.00 34.60
C SER C 99 2.88 4.19 33.33
N GLY C 100 3.84 4.50 32.46
CA GLY C 100 3.97 3.83 31.17
C GLY C 100 2.78 4.07 30.24
N GLN C 101 2.59 3.18 29.24
CA GLN C 101 1.52 3.25 28.24
C GLN C 101 0.20 2.59 28.70
N ALA C 102 -0.93 3.29 28.49
CA ALA C 102 -2.29 2.81 28.79
C ALA C 102 -2.72 1.74 27.77
N GLU C 103 -3.75 0.92 28.13
CA GLU C 103 -4.26 -0.19 27.32
C GLU C 103 -4.91 0.29 26.00
N GLN C 104 -5.49 1.51 26.00
CA GLN C 104 -6.14 2.08 24.81
C GLN C 104 -5.65 3.51 24.56
N VAL C 105 -5.80 3.94 23.30
CA VAL C 105 -5.46 5.28 22.81
C VAL C 105 -6.54 6.21 23.36
N VAL C 106 -6.11 7.38 23.87
CA VAL C 106 -7.07 8.32 24.40
C VAL C 106 -7.02 9.62 23.56
N LYS C 107 -8.22 10.17 23.26
CA LYS C 107 -8.40 11.42 22.54
C LYS C 107 -8.62 12.55 23.55
N THR C 108 -7.74 13.57 23.49
CA THR C 108 -7.85 14.74 24.39
C THR C 108 -7.70 16.01 23.57
N PHE C 109 -8.05 17.14 24.19
CA PHE C 109 -8.12 18.42 23.50
C PHE C 109 -7.32 19.46 24.22
N ARG C 110 -6.86 20.46 23.47
CA ARG C 110 -6.03 21.51 24.04
C ARG C 110 -6.19 22.82 23.24
N GLY C 111 -6.45 23.90 23.94
CA GLY C 111 -6.55 25.23 23.36
C GLY C 111 -5.56 26.19 24.00
N THR C 112 -4.96 27.08 23.20
CA THR C 112 -4.02 28.12 23.64
C THR C 112 -4.39 29.41 22.90
N ARG C 113 -4.26 30.57 23.57
CA ARG C 113 -4.59 31.89 23.00
C ARG C 113 -3.69 32.19 21.78
N GLY C 114 -2.44 31.72 21.83
CA GLY C 114 -1.49 31.90 20.73
C GLY C 114 -0.90 30.59 20.27
N GLY C 115 0.28 30.67 19.66
CA GLY C 115 1.00 29.51 19.18
C GLY C 115 1.63 28.68 20.29
N ASP C 116 2.05 27.46 19.95
CA ASP C 116 2.70 26.56 20.88
C ASP C 116 3.99 26.06 20.24
N ALA C 117 4.61 25.05 20.85
CA ALA C 117 5.87 24.46 20.39
C ALA C 117 5.72 23.71 19.04
N PHE C 118 4.49 23.41 18.60
CA PHE C 118 4.26 22.65 17.38
C PHE C 118 4.06 23.54 16.17
N ASN C 119 4.10 24.87 16.38
CA ASN C 119 4.00 25.86 15.30
C ASN C 119 5.13 25.67 14.28
N ALA C 120 6.33 25.37 14.80
CA ALA C 120 7.54 25.16 14.02
C ALA C 120 7.54 23.83 13.26
N VAL C 121 6.97 22.77 13.88
CA VAL C 121 6.94 21.39 13.36
C VAL C 121 6.07 21.32 12.10
N GLU C 122 6.64 20.81 11.00
CA GLU C 122 5.85 20.68 9.78
C GLU C 122 5.03 19.38 9.84
N GLU C 123 3.96 19.29 9.02
CA GLU C 123 3.02 18.17 8.93
C GLU C 123 3.77 16.88 8.58
N GLY C 124 3.50 15.83 9.36
CA GLY C 124 4.12 14.51 9.23
C GLY C 124 5.44 14.33 9.96
N LYS C 125 6.01 15.42 10.47
CA LYS C 125 7.25 15.42 11.21
C LYS C 125 6.97 15.48 12.71
N VAL C 126 7.99 15.15 13.53
CA VAL C 126 7.81 15.15 14.97
C VAL C 126 8.62 16.28 15.62
N GLY C 127 8.06 16.76 16.72
CA GLY C 127 8.60 17.80 17.61
C GLY C 127 8.07 17.62 19.01
N HIS C 128 8.44 18.51 19.95
CA HIS C 128 7.95 18.39 21.33
C HIS C 128 7.92 19.73 22.07
N ASP C 129 7.11 19.78 23.13
CA ASP C 129 7.03 20.94 24.01
C ASP C 129 8.06 20.75 25.16
N ASP C 130 8.81 21.80 25.53
CA ASP C 130 9.79 21.66 26.61
C ASP C 130 9.08 21.57 27.97
N GLY C 131 7.90 22.17 28.06
CA GLY C 131 7.07 22.09 29.27
C GLY C 131 6.22 20.83 29.24
N TYR C 132 5.49 20.57 30.33
CA TYR C 132 4.52 19.47 30.36
C TYR C 132 3.35 19.86 29.46
N LEU C 133 2.66 18.87 28.87
CA LEU C 133 1.53 19.11 27.96
C LEU C 133 0.18 18.70 28.60
N SER C 134 -0.54 19.71 29.05
CA SER C 134 -1.86 19.57 29.64
C SER C 134 -2.89 19.52 28.51
N THR C 135 -3.70 18.49 28.57
CA THR C 135 -4.79 18.31 27.63
C THR C 135 -6.00 18.00 28.50
N SER C 136 -7.19 18.08 27.94
CA SER C 136 -8.43 17.85 28.65
C SER C 136 -9.30 16.84 27.89
N LEU C 137 -10.05 15.99 28.61
CA LEU C 137 -11.02 15.02 28.05
C LEU C 137 -12.32 15.73 27.68
N ASN C 138 -12.52 16.91 28.24
CA ASN C 138 -13.67 17.79 28.05
C ASN C 138 -13.46 18.68 26.78
N PRO C 139 -14.19 18.51 25.64
CA PRO C 139 -13.92 19.36 24.45
C PRO C 139 -14.25 20.85 24.67
N GLY C 140 -15.24 21.12 25.54
CA GLY C 140 -15.75 22.45 25.87
C GLY C 140 -14.75 23.40 26.49
N VAL C 141 -14.07 22.98 27.59
CA VAL C 141 -13.07 23.79 28.31
C VAL C 141 -11.78 24.01 27.42
N ALA C 142 -11.84 23.60 26.11
CA ALA C 142 -10.81 23.79 25.07
C ALA C 142 -11.28 24.81 23.99
N ARG C 143 -11.97 24.35 22.90
CA ARG C 143 -12.41 25.18 21.76
C ARG C 143 -13.68 26.06 22.03
N SER C 144 -13.83 27.25 21.37
CA SER C 144 -12.92 27.86 20.37
C SER C 144 -12.72 29.38 20.53
N PHE C 145 -13.67 30.08 21.24
CA PHE C 145 -13.69 31.54 21.45
C PHE C 145 -12.44 32.02 22.19
N GLY C 146 -11.77 33.00 21.58
CA GLY C 146 -10.55 33.63 22.11
C GLY C 146 -9.28 32.87 21.73
N GLN C 147 -9.37 31.53 21.76
CA GLN C 147 -8.31 30.56 21.48
C GLN C 147 -7.77 30.67 20.03
N GLY C 148 -6.44 30.61 19.89
CA GLY C 148 -5.72 30.73 18.62
C GLY C 148 -5.26 29.42 17.99
N THR C 149 -4.86 28.44 18.82
CA THR C 149 -4.48 27.12 18.30
C THR C 149 -5.27 26.07 19.10
N ILE C 150 -6.10 25.28 18.38
CA ILE C 150 -6.94 24.19 18.92
C ILE C 150 -6.36 22.85 18.42
N SER C 151 -6.01 21.91 19.37
CA SER C 151 -5.40 20.61 19.06
C SER C 151 -6.24 19.43 19.54
N THR C 152 -6.20 18.35 18.78
CA THR C 152 -6.80 17.06 19.11
C THR C 152 -5.58 16.15 19.22
N VAL C 153 -5.42 15.52 20.39
CA VAL C 153 -4.26 14.72 20.75
C VAL C 153 -4.66 13.27 20.92
N PHE C 154 -3.81 12.38 20.39
CA PHE C 154 -3.96 10.91 20.54
C PHE C 154 -2.70 10.36 21.18
N GLY C 155 -2.87 9.68 22.30
CA GLY C 155 -1.73 9.10 23.01
C GLY C 155 -2.05 7.96 23.95
N ARG C 156 -1.01 7.40 24.57
CA ARG C 156 -1.17 6.32 25.55
C ARG C 156 -0.43 6.63 26.87
N SER C 157 0.58 7.53 26.88
CA SER C 157 1.45 7.78 28.04
C SER C 157 1.02 8.92 28.98
N GLY C 158 -0.20 9.42 28.79
CA GLY C 158 -0.74 10.51 29.59
C GLY C 158 -1.19 10.07 30.97
N ILE C 159 -1.09 10.96 31.96
CA ILE C 159 -1.55 10.68 33.33
C ILE C 159 -2.85 11.44 33.55
N ASP C 160 -3.89 10.70 33.95
CA ASP C 160 -5.18 11.27 34.27
C ASP C 160 -5.11 11.81 35.69
N VAL C 161 -5.26 13.12 35.83
CA VAL C 161 -5.15 13.82 37.12
C VAL C 161 -6.52 14.34 37.61
N SER C 162 -7.62 13.89 36.98
CA SER C 162 -8.97 14.37 37.25
C SER C 162 -9.44 14.06 38.67
N GLY C 163 -8.87 13.04 39.30
CA GLY C 163 -9.17 12.69 40.68
C GLY C 163 -8.32 13.44 41.68
N ILE C 164 -7.26 14.15 41.21
CA ILE C 164 -6.37 14.94 42.07
C ILE C 164 -6.80 16.44 42.00
N SER C 165 -6.89 17.01 40.78
CA SER C 165 -7.27 18.42 40.58
C SER C 165 -8.15 18.47 39.32
N ASN C 166 -9.35 19.12 39.47
CA ASN C 166 -10.40 19.13 38.44
C ASN C 166 -11.20 20.43 38.41
N TYR C 167 -10.52 21.59 38.48
CA TYR C 167 -11.22 22.88 38.32
C TYR C 167 -11.88 22.86 36.97
N LYS C 168 -13.15 23.36 36.90
CA LYS C 168 -13.99 23.50 35.70
C LYS C 168 -14.28 22.13 35.07
N ASN C 169 -14.14 21.06 35.88
CA ASN C 169 -14.30 19.65 35.50
C ASN C 169 -13.57 19.40 34.15
N ALA C 170 -12.32 19.88 34.04
CA ALA C 170 -11.54 19.76 32.80
C ALA C 170 -11.08 18.33 32.51
N LYS C 171 -11.09 17.43 33.51
CA LYS C 171 -10.69 16.02 33.39
C LYS C 171 -9.37 15.97 32.59
N ALA C 172 -8.32 16.53 33.18
CA ALA C 172 -7.02 16.68 32.51
C ALA C 172 -6.24 15.40 32.37
N ILE C 173 -5.62 15.27 31.22
CA ILE C 173 -4.68 14.20 30.93
C ILE C 173 -3.39 14.90 30.58
N LEU C 174 -2.36 14.69 31.41
CA LEU C 174 -1.05 15.31 31.25
C LEU C 174 -0.06 14.41 30.52
N TYR C 175 0.64 14.97 29.54
CA TYR C 175 1.74 14.29 28.83
C TYR C 175 3.04 14.88 29.38
N ASN C 176 4.07 14.02 29.48
CA ASN C 176 5.39 14.30 30.01
C ASN C 176 6.08 15.46 29.29
N LYS C 177 6.97 16.19 29.99
CA LYS C 177 7.69 17.28 29.34
C LYS C 177 8.61 16.67 28.27
N GLU C 178 8.74 17.32 27.11
CA GLU C 178 9.56 16.87 25.97
C GLU C 178 9.00 15.59 25.30
N THR C 179 7.67 15.37 25.39
CA THR C 179 7.03 14.24 24.73
C THR C 179 6.91 14.56 23.26
N ASP C 180 7.60 13.74 22.46
CA ASP C 180 7.63 13.80 21.02
C ASP C 180 6.25 13.49 20.47
N MET C 181 5.74 14.46 19.72
CA MET C 181 4.45 14.43 19.05
C MET C 181 4.63 14.64 17.53
N ARG C 182 3.93 13.82 16.73
CA ARG C 182 3.83 13.94 15.29
C ARG C 182 2.65 14.79 14.93
N VAL C 183 2.87 15.78 14.06
CA VAL C 183 1.81 16.63 13.56
C VAL C 183 1.11 15.86 12.42
N LEU C 184 -0.06 15.28 12.67
CA LEU C 184 -0.81 14.53 11.66
C LEU C 184 -1.53 15.47 10.67
N LEU C 185 -1.87 16.67 11.13
CA LEU C 185 -2.59 17.69 10.36
C LEU C 185 -2.44 19.01 11.05
N SER C 186 -2.11 20.04 10.26
CA SER C 186 -2.05 21.44 10.67
C SER C 186 -2.73 22.25 9.61
N ALA C 187 -3.83 22.87 10.00
CA ALA C 187 -4.70 23.59 9.11
C ALA C 187 -5.21 24.78 9.82
N SER C 188 -5.66 25.76 9.06
CA SER C 188 -6.29 26.99 9.50
C SER C 188 -7.75 27.05 9.00
N ASP C 189 -8.65 27.43 9.92
CA ASP C 189 -10.06 27.82 9.83
C ASP C 189 -10.20 29.05 8.94
N GLU C 190 -11.42 29.35 8.46
CA GLU C 190 -11.69 30.60 7.74
C GLU C 190 -11.79 31.80 8.73
N GLN C 191 -11.64 31.52 10.03
CA GLN C 191 -11.66 32.53 11.09
C GLN C 191 -10.23 32.89 11.51
N GLY C 192 -9.26 32.08 11.06
CA GLY C 192 -7.83 32.23 11.35
C GLY C 192 -7.32 31.35 12.47
N VAL C 193 -8.15 30.40 12.96
CA VAL C 193 -7.81 29.49 14.04
C VAL C 193 -7.04 28.31 13.47
N THR C 194 -5.87 28.02 14.07
CA THR C 194 -5.03 26.88 13.72
C THR C 194 -5.67 25.64 14.39
N ARG C 195 -5.99 24.65 13.58
CA ARG C 195 -6.65 23.41 13.95
C ARG C 195 -5.70 22.28 13.65
N ARG C 196 -5.21 21.62 14.72
CA ARG C 196 -4.16 20.62 14.65
C ARG C 196 -4.56 19.27 15.20
N VAL C 197 -3.90 18.24 14.68
CA VAL C 197 -4.06 16.87 15.16
C VAL C 197 -2.66 16.37 15.50
N LEU C 198 -2.45 16.02 16.78
CA LEU C 198 -1.14 15.53 17.24
C LEU C 198 -1.25 14.11 17.67
N GLU C 199 -0.17 13.38 17.48
CA GLU C 199 -0.15 12.00 17.93
C GLU C 199 1.19 11.72 18.64
N GLU C 200 1.16 10.98 19.76
CA GLU C 200 2.37 10.57 20.48
C GLU C 200 3.20 9.74 19.50
N ALA C 201 4.41 10.23 19.13
CA ALA C 201 5.30 9.56 18.16
C ALA C 201 5.51 8.07 18.48
N ALA C 202 5.68 7.75 19.79
CA ALA C 202 5.90 6.41 20.34
C ALA C 202 4.71 5.43 20.08
N LEU C 203 3.58 5.89 19.48
CA LEU C 203 2.44 5.02 19.17
C LEU C 203 2.70 4.11 17.96
N GLY C 204 3.40 4.66 16.97
CA GLY C 204 3.71 3.97 15.72
C GLY C 204 3.18 4.77 14.54
N GLU C 205 3.31 4.19 13.34
CA GLU C 205 2.85 4.86 12.12
C GLU C 205 1.62 4.11 11.58
N LEU C 206 1.40 2.88 12.06
CA LEU C 206 0.25 2.03 11.75
C LEU C 206 -0.93 2.33 12.69
N SER C 207 -0.70 3.20 13.69
CA SER C 207 -1.74 3.61 14.64
C SER C 207 -2.66 4.64 13.96
N GLY C 208 -3.95 4.59 14.29
CA GLY C 208 -4.97 5.48 13.75
C GLY C 208 -5.53 5.07 12.40
N HIS C 209 -5.17 3.88 11.94
CA HIS C 209 -5.64 3.33 10.68
C HIS C 209 -6.62 2.21 10.93
N SER C 210 -7.81 2.29 10.36
CA SER C 210 -8.75 1.17 10.42
C SER C 210 -8.28 0.22 9.31
N GLN C 211 -7.94 -1.02 9.67
CA GLN C 211 -7.35 -2.05 8.80
C GLN C 211 -8.06 -2.19 7.44
N GLY C 212 -7.33 -1.77 6.39
CA GLY C 212 -7.75 -1.84 5.01
C GLY C 212 -8.74 -0.82 4.47
N LEU C 213 -9.25 0.09 5.31
CA LEU C 213 -10.28 1.05 4.92
C LEU C 213 -9.79 2.05 3.84
N LEU C 214 -8.58 2.63 3.99
CA LEU C 214 -8.06 3.57 2.98
C LEU C 214 -7.94 2.91 1.63
N ASP C 215 -7.38 1.68 1.57
CA ASP C 215 -7.24 0.90 0.34
C ASP C 215 -8.64 0.61 -0.27
N ALA C 216 -9.60 0.14 0.58
CA ALA C 216 -10.98 -0.16 0.18
C ALA C 216 -11.73 1.08 -0.31
N LEU C 217 -11.40 2.27 0.21
CA LEU C 217 -12.07 3.51 -0.15
C LEU C 217 -11.73 3.94 -1.57
N ASP C 218 -10.81 3.24 -2.26
CA ASP C 218 -10.47 3.46 -3.67
C ASP C 218 -10.45 4.98 -3.97
N LEU C 219 -9.61 5.70 -3.20
CA LEU C 219 -9.48 7.14 -3.31
C LEU C 219 -8.97 7.60 -4.68
N ALA C 220 -9.62 8.68 -5.20
CA ALA C 220 -9.32 9.26 -6.50
C ALA C 220 -8.16 10.21 -6.32
N SER C 221 -6.96 9.63 -6.31
CA SER C 221 -5.68 10.33 -6.13
C SER C 221 -4.56 9.40 -6.51
N LYS C 222 -3.52 9.94 -7.14
CA LYS C 222 -2.34 9.13 -7.51
C LYS C 222 -1.54 8.75 -6.25
N PRO C 223 -1.09 7.47 -6.13
CA PRO C 223 -0.31 7.07 -4.93
C PRO C 223 1.04 7.80 -4.81
N VAL C 234 17.99 -7.81 -13.35
CA VAL C 234 17.86 -7.73 -14.80
C VAL C 234 18.09 -6.27 -15.27
N ARG C 235 17.27 -5.33 -14.74
CA ARG C 235 17.24 -3.87 -14.99
C ARG C 235 16.70 -3.57 -16.43
N LEU C 236 17.50 -2.94 -17.32
CA LEU C 236 17.04 -2.61 -18.68
C LEU C 236 17.82 -3.38 -19.75
N ARG C 237 19.05 -3.88 -19.45
CA ARG C 237 19.80 -4.64 -20.46
C ARG C 237 19.23 -6.03 -20.62
N MET C 238 18.21 -6.14 -21.48
CA MET C 238 17.47 -7.35 -21.83
C MET C 238 16.93 -8.03 -20.53
N ARG C 239 15.60 -8.01 -20.29
CA ARG C 239 14.47 -7.76 -21.19
C ARG C 239 14.32 -9.13 -21.86
N GLY C 240 14.88 -9.31 -23.05
CA GLY C 240 14.92 -10.59 -23.72
C GLY C 240 16.24 -11.24 -23.38
N LEU C 241 16.43 -11.59 -22.08
CA LEU C 241 17.63 -12.25 -21.52
C LEU C 241 17.31 -12.92 -20.19
N ASP C 242 16.12 -12.65 -19.63
CA ASP C 242 15.55 -13.23 -18.42
C ASP C 242 16.61 -13.53 -17.34
N LEU C 243 17.38 -12.51 -16.91
CA LEU C 243 18.46 -12.67 -15.92
C LEU C 243 17.91 -12.96 -14.52
N ALA C 244 18.41 -14.05 -13.92
CA ALA C 244 18.02 -14.53 -12.60
C ALA C 244 18.85 -13.86 -11.52
C1 MPD D . -9.08 28.99 41.40
C2 MPD D . -9.06 29.29 39.90
O2 MPD D . -9.57 28.14 39.21
CM MPD D . -10.00 30.44 39.60
C3 MPD D . -7.64 29.61 39.32
C4 MPD D . -6.49 28.59 39.62
O4 MPD D . -6.84 27.25 39.25
C5 MPD D . -5.23 28.97 38.89
#